data_2B6E
#
_entry.id   2B6E
#
_cell.length_a   60.651
_cell.length_b   102.878
_cell.length_c   101.364
_cell.angle_alpha   90.00
_cell.angle_beta   98.36
_cell.angle_gamma   90.00
#
_symmetry.space_group_name_H-M   'P 1 21 1'
#
loop_
_entity.id
_entity.type
_entity.pdbx_description
1 polymer 'Hypothetical UPF0152 protein HI1161'
2 non-polymer 'ACETIC ACID'
3 water water
#
_entity_poly.entity_id   1
_entity_poly.type   'polypeptide(L)'
_entity_poly.pdbx_seq_one_letter_code
;(MSE)LWKKTFTLENLNQLCSNSAVSHLGIEISAFGEDWIEAT(MSE)PVDHRT(MSE)QPFGVLHGGVSVALAETIGSL
AGSLCLEEGKTVVGLDINANHLRPVRSGKVTARATPINLGRNIQVWQIDIRTEENKLCCVSRLTLSVINLLEHHHHHH
;
_entity_poly.pdbx_strand_id   A,B,C,D,E,F,G,H
#
loop_
_chem_comp.id
_chem_comp.type
_chem_comp.name
_chem_comp.formula
ACY non-polymer 'ACETIC ACID' 'C2 H4 O2'
#
# COMPACT_ATOMS: atom_id res chain seq x y z
N MSE A 1 25.17 9.45 -31.37
CA MSE A 1 26.35 8.94 -30.61
C MSE A 1 27.05 10.08 -29.86
O MSE A 1 27.23 11.17 -30.39
CB MSE A 1 27.34 8.28 -31.58
CG MSE A 1 28.58 7.73 -30.91
SE MSE A 1 29.63 6.68 -32.14
CE MSE A 1 29.23 4.92 -31.41
N LEU A 2 27.44 9.80 -28.62
CA LEU A 2 28.09 10.79 -27.77
C LEU A 2 29.55 11.07 -28.10
N TRP A 3 30.30 10.02 -28.38
CA TRP A 3 31.73 10.11 -28.63
C TRP A 3 32.18 11.05 -29.75
N LYS A 4 33.16 11.88 -29.43
CA LYS A 4 33.74 12.83 -30.38
C LYS A 4 35.11 12.31 -30.81
N LYS A 5 35.69 11.44 -29.99
CA LYS A 5 36.99 10.87 -30.29
C LYS A 5 36.86 9.43 -30.75
N THR A 6 37.83 8.97 -31.54
CA THR A 6 37.82 7.61 -32.07
C THR A 6 38.69 6.74 -31.15
N PHE A 7 38.23 5.53 -30.84
CA PHE A 7 38.99 4.64 -29.96
C PHE A 7 38.49 3.21 -29.96
N THR A 8 39.30 2.32 -29.40
CA THR A 8 38.92 0.92 -29.25
C THR A 8 39.13 0.69 -27.77
N LEU A 9 38.57 -0.38 -27.22
CA LEU A 9 38.75 -0.67 -25.80
C LEU A 9 40.23 -0.90 -25.48
N GLU A 10 40.94 -1.47 -26.43
CA GLU A 10 42.37 -1.74 -26.27
C GLU A 10 43.13 -0.43 -26.06
N ASN A 11 42.76 0.60 -26.82
CA ASN A 11 43.41 1.90 -26.72
C ASN A 11 43.19 2.47 -25.32
N LEU A 12 41.95 2.40 -24.86
CA LEU A 12 41.59 2.93 -23.55
C LEU A 12 42.32 2.24 -22.43
N ASN A 13 42.44 0.91 -22.49
CA ASN A 13 43.15 0.19 -21.45
C ASN A 13 44.63 0.51 -21.50
N GLN A 14 45.15 0.78 -22.69
CA GLN A 14 46.55 1.14 -22.85
C GLN A 14 46.77 2.50 -22.21
N LEU A 15 45.82 3.41 -22.43
CA LEU A 15 45.90 4.76 -21.86
C LEU A 15 45.94 4.74 -20.34
N CYS A 16 45.17 3.84 -19.75
CA CYS A 16 45.09 3.73 -18.29
C CYS A 16 46.18 2.86 -17.64
N SER A 17 47.03 2.23 -18.46
CA SER A 17 48.08 1.36 -17.93
C SER A 17 49.09 2.07 -17.03
N ASN A 18 49.78 1.29 -16.22
CA ASN A 18 50.79 1.80 -15.29
C ASN A 18 50.31 3.01 -14.50
N SER A 19 49.12 2.90 -13.91
CA SER A 19 48.55 3.98 -13.10
C SER A 19 47.70 3.35 -12.00
N ALA A 20 46.99 4.18 -11.26
CA ALA A 20 46.14 3.69 -10.19
C ALA A 20 45.05 2.79 -10.75
N VAL A 21 44.64 3.07 -11.98
CA VAL A 21 43.59 2.31 -12.64
C VAL A 21 43.98 0.85 -12.83
N SER A 22 45.12 0.61 -13.46
CA SER A 22 45.57 -0.76 -13.67
C SER A 22 45.97 -1.38 -12.33
N HIS A 23 46.46 -0.55 -11.41
CA HIS A 23 46.88 -1.05 -10.10
C HIS A 23 45.69 -1.66 -9.34
N LEU A 24 44.51 -1.08 -9.56
CA LEU A 24 43.28 -1.57 -8.93
C LEU A 24 42.63 -2.68 -9.76
N GLY A 25 43.28 -3.08 -10.85
CA GLY A 25 42.73 -4.12 -11.69
C GLY A 25 41.52 -3.69 -12.51
N ILE A 26 41.34 -2.38 -12.65
CA ILE A 26 40.22 -1.86 -13.42
C ILE A 26 40.47 -2.05 -14.91
N GLU A 27 39.44 -2.48 -15.60
CA GLU A 27 39.53 -2.71 -17.05
C GLU A 27 38.33 -2.07 -17.75
N ILE A 28 38.59 -1.25 -18.75
CA ILE A 28 37.50 -0.64 -19.51
C ILE A 28 37.00 -1.83 -20.30
N SER A 29 35.76 -2.22 -20.01
CA SER A 29 35.17 -3.43 -20.56
C SER A 29 34.17 -3.41 -21.70
N ALA A 30 33.48 -2.30 -21.91
CA ALA A 30 32.50 -2.27 -22.98
C ALA A 30 31.94 -0.87 -23.13
N PHE A 31 31.34 -0.61 -24.29
CA PHE A 31 30.75 0.69 -24.50
C PHE A 31 29.63 0.61 -25.52
N GLY A 32 28.74 1.61 -25.46
CA GLY A 32 27.62 1.68 -26.38
C GLY A 32 27.62 3.07 -26.99
N GLU A 33 26.51 3.46 -27.61
CA GLU A 33 26.44 4.77 -28.23
C GLU A 33 26.45 5.91 -27.22
N ASP A 34 25.89 5.68 -26.03
CA ASP A 34 25.84 6.72 -25.01
C ASP A 34 26.19 6.26 -23.61
N TRP A 35 27.04 5.23 -23.52
CA TRP A 35 27.46 4.71 -22.22
C TRP A 35 28.75 3.93 -22.38
N ILE A 36 29.51 3.83 -21.29
CA ILE A 36 30.76 3.07 -21.30
C ILE A 36 30.91 2.45 -19.92
N GLU A 37 31.51 1.26 -19.87
CA GLU A 37 31.67 0.55 -18.60
C GLU A 37 33.10 0.12 -18.32
N ALA A 38 33.38 -0.09 -17.04
CA ALA A 38 34.67 -0.58 -16.58
C ALA A 38 34.37 -1.59 -15.49
N THR A 39 35.17 -2.64 -15.41
CA THR A 39 34.97 -3.64 -14.36
C THR A 39 36.12 -3.54 -13.39
N MSE A 40 35.91 -4.09 -12.20
CA MSE A 40 36.96 -4.08 -11.18
C MSE A 40 36.73 -5.28 -10.29
O MSE A 40 35.59 -5.59 -9.92
CB MSE A 40 36.93 -2.79 -10.35
CG MSE A 40 38.05 -2.69 -9.33
SE MSE A 40 37.94 -1.04 -8.31
CE MSE A 40 36.29 -1.40 -7.35
N PRO A 41 37.81 -5.99 -9.94
CA PRO A 41 37.62 -7.17 -9.08
C PRO A 41 37.42 -6.82 -7.62
N VAL A 42 36.82 -7.75 -6.90
CA VAL A 42 36.63 -7.56 -5.47
C VAL A 42 37.58 -8.58 -4.85
N ASP A 43 38.79 -8.13 -4.51
CA ASP A 43 39.80 -8.98 -3.90
C ASP A 43 40.63 -8.16 -2.92
N HIS A 44 41.75 -8.70 -2.45
CA HIS A 44 42.56 -7.96 -1.48
C HIS A 44 43.06 -6.60 -1.94
N ARG A 45 43.06 -6.36 -3.25
CA ARG A 45 43.50 -5.08 -3.78
C ARG A 45 42.41 -4.02 -3.63
N THR A 46 41.17 -4.47 -3.55
CA THR A 46 40.04 -3.54 -3.48
C THR A 46 39.06 -3.70 -2.32
N MSE A 47 39.36 -4.60 -1.39
CA MSE A 47 38.48 -4.83 -0.25
C MSE A 47 38.96 -4.16 1.04
O MSE A 47 40.14 -3.87 1.20
CB MSE A 47 38.36 -6.32 0.07
CG MSE A 47 37.75 -7.20 -1.00
SE MSE A 47 37.86 -9.07 -0.44
CE MSE A 47 39.67 -9.08 0.24
N GLN A 48 38.02 -3.92 1.95
CA GLN A 48 38.37 -3.35 3.24
C GLN A 48 38.93 -4.53 4.03
N PRO A 49 39.61 -4.26 5.15
CA PRO A 49 40.16 -5.37 5.93
C PRO A 49 39.18 -6.45 6.39
N PHE A 50 37.88 -6.19 6.31
CA PHE A 50 36.92 -7.19 6.75
C PHE A 50 36.23 -8.02 5.67
N GLY A 51 36.80 -8.07 4.48
CA GLY A 51 36.23 -8.92 3.44
C GLY A 51 35.20 -8.41 2.45
N VAL A 52 34.88 -7.12 2.47
CA VAL A 52 33.93 -6.60 1.51
C VAL A 52 34.58 -5.49 0.70
N LEU A 53 34.00 -5.20 -0.46
CA LEU A 53 34.52 -4.16 -1.34
C LEU A 53 34.65 -2.84 -0.57
N HIS A 54 35.79 -2.19 -0.73
CA HIS A 54 36.07 -0.92 -0.06
C HIS A 54 35.30 0.21 -0.76
N GLY A 55 34.40 0.86 -0.02
CA GLY A 55 33.59 1.93 -0.59
C GLY A 55 34.39 3.04 -1.25
N GLY A 56 35.54 3.38 -0.67
CA GLY A 56 36.36 4.43 -1.26
C GLY A 56 36.86 4.01 -2.62
N VAL A 57 37.26 2.75 -2.74
CA VAL A 57 37.75 2.23 -4.00
C VAL A 57 36.63 2.21 -5.04
N SER A 58 35.39 2.01 -4.60
CA SER A 58 34.26 2.02 -5.54
C SER A 58 34.17 3.42 -6.15
N VAL A 59 34.42 4.43 -5.32
CA VAL A 59 34.39 5.81 -5.80
C VAL A 59 35.55 6.01 -6.78
N ALA A 60 36.70 5.39 -6.50
CA ALA A 60 37.86 5.50 -7.39
C ALA A 60 37.47 5.00 -8.78
N LEU A 61 36.80 3.85 -8.83
CA LEU A 61 36.34 3.28 -10.10
C LEU A 61 35.34 4.23 -10.77
N ALA A 62 34.43 4.78 -9.97
CA ALA A 62 33.43 5.70 -10.51
C ALA A 62 34.08 6.91 -11.16
N GLU A 63 35.03 7.52 -10.46
CA GLU A 63 35.68 8.69 -11.03
C GLU A 63 36.48 8.32 -12.28
N THR A 64 37.09 7.14 -12.27
CA THR A 64 37.88 6.70 -13.41
C THR A 64 37.03 6.59 -14.68
N ILE A 65 35.96 5.81 -14.63
CA ILE A 65 35.13 5.62 -15.81
C ILE A 65 34.36 6.88 -16.21
N GLY A 66 33.93 7.67 -15.24
CA GLY A 66 33.20 8.88 -15.55
C GLY A 66 34.09 9.93 -16.20
N SER A 67 35.31 10.07 -15.70
CA SER A 67 36.26 11.03 -16.25
C SER A 67 36.70 10.63 -17.64
N LEU A 68 36.89 9.32 -17.85
CA LEU A 68 37.29 8.82 -19.15
C LEU A 68 36.18 9.09 -20.17
N ALA A 69 34.95 8.78 -19.79
CA ALA A 69 33.79 8.99 -20.65
C ALA A 69 33.68 10.45 -21.06
N GLY A 70 33.90 11.34 -20.10
CA GLY A 70 33.81 12.77 -20.37
C GLY A 70 34.82 13.25 -21.39
N SER A 71 36.07 12.81 -21.27
CA SER A 71 37.10 13.22 -22.22
C SER A 71 36.81 12.70 -23.63
N LEU A 72 36.18 11.54 -23.71
CA LEU A 72 35.85 10.94 -25.00
C LEU A 72 34.69 11.64 -25.70
N CYS A 73 33.98 12.49 -24.98
CA CYS A 73 32.86 13.23 -25.56
C CYS A 73 33.31 14.61 -26.05
N LEU A 74 34.61 14.83 -26.02
CA LEU A 74 35.18 16.10 -26.44
C LEU A 74 36.04 15.98 -27.68
N GLU A 75 36.13 17.08 -28.44
CA GLU A 75 36.94 17.11 -29.66
C GLU A 75 38.40 16.96 -29.28
N GLU A 76 39.23 16.58 -30.26
CA GLU A 76 40.66 16.43 -30.00
C GLU A 76 41.16 17.78 -29.47
N GLY A 77 42.15 17.74 -28.60
CA GLY A 77 42.67 18.98 -28.06
C GLY A 77 41.98 19.44 -26.78
N LYS A 78 40.93 18.73 -26.38
CA LYS A 78 40.21 19.06 -25.16
C LYS A 78 40.07 17.86 -24.24
N THR A 79 40.12 18.11 -22.94
CA THR A 79 39.97 17.03 -21.96
C THR A 79 39.21 17.53 -20.73
N VAL A 80 39.15 16.69 -19.70
CA VAL A 80 38.43 17.06 -18.48
C VAL A 80 39.27 16.97 -17.23
N VAL A 81 38.79 17.64 -16.18
CA VAL A 81 39.43 17.65 -14.87
C VAL A 81 38.29 17.42 -13.88
N GLY A 82 38.48 16.47 -12.97
CA GLY A 82 37.45 16.18 -11.99
C GLY A 82 37.33 17.31 -10.99
N LEU A 83 36.12 17.83 -10.79
CA LEU A 83 35.90 18.92 -9.85
C LEU A 83 35.44 18.35 -8.50
N ASP A 84 34.43 17.50 -8.55
CA ASP A 84 33.91 16.91 -7.33
C ASP A 84 33.15 15.64 -7.65
N ILE A 85 32.93 14.83 -6.63
CA ILE A 85 32.23 13.58 -6.84
C ILE A 85 31.58 13.16 -5.52
N ASN A 86 30.46 12.46 -5.63
CA ASN A 86 29.77 11.97 -4.45
C ASN A 86 29.29 10.57 -4.75
N ALA A 87 28.95 9.82 -3.71
CA ALA A 87 28.47 8.46 -3.90
C ALA A 87 27.78 7.93 -2.65
N ASN A 88 26.81 7.05 -2.87
CA ASN A 88 26.10 6.37 -1.80
C ASN A 88 26.40 4.89 -1.98
N HIS A 89 26.83 4.24 -0.90
CA HIS A 89 27.15 2.82 -0.90
C HIS A 89 25.85 2.16 -0.46
N LEU A 90 25.30 1.31 -1.31
CA LEU A 90 24.01 0.67 -1.05
C LEU A 90 24.01 -0.71 -0.43
N ARG A 91 25.07 -1.46 -0.66
CA ARG A 91 25.14 -2.82 -0.11
C ARG A 91 26.55 -3.36 -0.23
N PRO A 92 26.92 -4.29 0.66
CA PRO A 92 28.26 -4.88 0.64
C PRO A 92 28.43 -5.84 -0.52
N VAL A 93 29.65 -5.96 -1.02
CA VAL A 93 29.96 -6.84 -2.12
C VAL A 93 31.17 -7.65 -1.68
N ARG A 94 31.06 -8.97 -1.71
CA ARG A 94 32.19 -9.77 -1.25
C ARG A 94 32.88 -10.68 -2.25
N SER A 95 32.44 -10.71 -3.50
CA SER A 95 33.09 -11.58 -4.46
C SER A 95 32.89 -11.22 -5.92
N GLY A 96 33.78 -11.74 -6.76
CA GLY A 96 33.71 -11.50 -8.19
C GLY A 96 34.14 -10.10 -8.57
N LYS A 97 33.51 -9.54 -9.60
CA LYS A 97 33.85 -8.19 -10.02
C LYS A 97 32.61 -7.34 -10.15
N VAL A 98 32.79 -6.04 -10.04
CA VAL A 98 31.68 -5.12 -10.16
C VAL A 98 31.84 -4.39 -11.48
N THR A 99 30.72 -3.92 -12.01
CA THR A 99 30.71 -3.19 -13.28
C THR A 99 30.14 -1.79 -13.10
N ALA A 100 30.92 -0.78 -13.47
CA ALA A 100 30.47 0.59 -13.35
C ALA A 100 30.14 1.12 -14.74
N ARG A 101 28.92 1.64 -14.90
CA ARG A 101 28.49 2.20 -16.16
C ARG A 101 28.32 3.70 -16.03
N ALA A 102 28.99 4.45 -16.90
CA ALA A 102 28.89 5.90 -16.88
C ALA A 102 27.97 6.35 -17.99
N THR A 103 27.01 7.21 -17.64
CA THR A 103 26.06 7.77 -18.59
C THR A 103 26.00 9.26 -18.30
N PRO A 104 25.87 10.10 -19.33
CA PRO A 104 25.83 11.55 -19.10
C PRO A 104 24.52 12.10 -18.56
N ILE A 105 24.62 13.15 -17.76
CA ILE A 105 23.44 13.81 -17.23
C ILE A 105 23.31 15.11 -18.02
N ASN A 106 24.42 15.79 -18.20
CA ASN A 106 24.45 17.04 -18.97
C ASN A 106 25.87 17.32 -19.42
N LEU A 107 26.04 17.60 -20.71
CA LEU A 107 27.36 17.90 -21.26
C LEU A 107 27.36 19.32 -21.79
N GLY A 108 28.00 20.23 -21.06
CA GLY A 108 28.05 21.61 -21.48
C GLY A 108 29.39 21.99 -22.08
N ARG A 109 29.53 23.26 -22.44
CA ARG A 109 30.76 23.75 -23.04
C ARG A 109 31.87 23.85 -22.00
N ASN A 110 31.51 24.11 -20.74
CA ASN A 110 32.51 24.24 -19.69
C ASN A 110 32.43 23.21 -18.58
N ILE A 111 31.23 22.68 -18.35
CA ILE A 111 31.01 21.70 -17.29
C ILE A 111 30.25 20.48 -17.79
N GLN A 112 30.63 19.32 -17.27
CA GLN A 112 29.94 18.07 -17.60
C GLN A 112 29.52 17.41 -16.29
N VAL A 113 28.37 16.76 -16.31
CA VAL A 113 27.89 16.05 -15.12
C VAL A 113 27.59 14.62 -15.54
N TRP A 114 28.19 13.67 -14.83
CA TRP A 114 28.02 12.26 -15.14
C TRP A 114 27.42 11.43 -14.03
N GLN A 115 26.63 10.43 -14.44
CA GLN A 115 26.03 9.49 -13.50
C GLN A 115 26.82 8.19 -13.66
N ILE A 116 27.20 7.58 -12.55
CA ILE A 116 27.93 6.31 -12.60
C ILE A 116 27.30 5.35 -11.60
N ASP A 117 26.67 4.31 -12.12
CA ASP A 117 26.03 3.29 -11.30
C ASP A 117 26.88 2.02 -11.37
N ILE A 118 27.11 1.42 -10.22
CA ILE A 118 27.94 0.22 -10.12
C ILE A 118 27.09 -0.95 -9.67
N ARG A 119 27.17 -2.07 -10.40
CA ARG A 119 26.39 -3.25 -10.08
C ARG A 119 27.28 -4.47 -9.87
N THR A 120 26.78 -5.45 -9.12
CA THR A 120 27.53 -6.67 -8.85
C THR A 120 27.33 -7.61 -10.04
N GLU A 121 27.98 -8.77 -10.00
CA GLU A 121 27.85 -9.73 -11.08
C GLU A 121 26.44 -10.29 -11.11
N GLU A 122 25.68 -10.08 -10.04
CA GLU A 122 24.30 -10.54 -9.95
C GLU A 122 23.38 -9.39 -10.39
N ASN A 123 23.99 -8.35 -10.94
CA ASN A 123 23.27 -7.17 -11.42
C ASN A 123 22.50 -6.40 -10.35
N LYS A 124 23.02 -6.41 -9.13
CA LYS A 124 22.40 -5.68 -8.03
C LYS A 124 23.20 -4.38 -7.90
N LEU A 125 22.48 -3.27 -7.72
CA LEU A 125 23.12 -1.97 -7.59
C LEU A 125 23.83 -1.88 -6.24
N CYS A 126 25.14 -1.62 -6.24
CA CYS A 126 25.85 -1.53 -4.96
C CYS A 126 26.35 -0.12 -4.66
N CYS A 127 26.36 0.73 -5.68
CA CYS A 127 26.85 2.09 -5.50
C CYS A 127 26.34 2.99 -6.62
N VAL A 128 25.96 4.21 -6.26
CA VAL A 128 25.50 5.20 -7.23
C VAL A 128 26.35 6.44 -6.97
N SER A 129 26.84 7.04 -8.03
CA SER A 129 27.71 8.20 -7.91
C SER A 129 27.41 9.27 -8.96
N ARG A 130 27.76 10.52 -8.65
CA ARG A 130 27.59 11.61 -9.60
C ARG A 130 28.93 12.35 -9.61
N LEU A 131 29.42 12.67 -10.79
CA LEU A 131 30.71 13.32 -10.99
C LEU A 131 30.58 14.62 -11.77
N THR A 132 31.24 15.67 -11.30
CA THR A 132 31.19 16.97 -11.97
C THR A 132 32.57 17.24 -12.57
N LEU A 133 32.62 17.49 -13.88
CA LEU A 133 33.88 17.73 -14.58
C LEU A 133 33.93 19.11 -15.21
N SER A 134 35.15 19.62 -15.31
CA SER A 134 35.40 20.92 -15.94
C SER A 134 36.06 20.59 -17.27
N VAL A 135 35.67 21.29 -18.33
CA VAL A 135 36.25 21.05 -19.64
C VAL A 135 37.43 22.01 -19.83
N ILE A 136 38.57 21.46 -20.23
CA ILE A 136 39.77 22.27 -20.43
C ILE A 136 40.45 21.97 -21.77
N ASN A 137 41.36 22.86 -22.17
CA ASN A 137 42.10 22.69 -23.42
C ASN A 137 43.41 21.95 -23.18
N MSE B 1 39.65 11.40 26.09
CA MSE B 1 39.74 11.92 24.70
C MSE B 1 38.47 11.62 23.93
O MSE B 1 37.40 11.46 24.50
CB MSE B 1 40.93 11.27 23.98
CG MSE B 1 42.27 11.49 24.66
SE MSE B 1 43.76 10.72 23.70
CE MSE B 1 45.19 11.56 24.71
N LEU B 2 38.60 11.56 22.60
CA LEU B 2 37.46 11.29 21.73
C LEU B 2 37.30 9.78 21.53
N TRP B 3 38.43 9.08 21.44
CA TRP B 3 38.43 7.65 21.22
C TRP B 3 37.87 6.82 22.36
N LYS B 4 37.15 5.77 22.01
CA LYS B 4 36.56 4.87 22.99
C LYS B 4 37.17 3.47 22.92
N LYS B 5 37.85 3.18 21.82
CA LYS B 5 38.52 1.90 21.66
C LYS B 5 40.01 2.12 21.89
N THR B 6 40.67 1.14 22.49
CA THR B 6 42.10 1.23 22.72
C THR B 6 42.77 0.85 21.40
N PHE B 7 43.87 1.52 21.05
CA PHE B 7 44.58 1.23 19.81
C PHE B 7 46.00 1.77 19.77
N THR B 8 46.79 1.24 18.85
CA THR B 8 48.17 1.72 18.63
C THR B 8 48.24 1.81 17.12
N LEU B 9 49.05 2.73 16.60
CA LEU B 9 49.15 2.84 15.16
C LEU B 9 49.66 1.54 14.55
N GLU B 10 50.55 0.85 15.26
CA GLU B 10 51.09 -0.41 14.77
C GLU B 10 49.97 -1.40 14.49
N ASN B 11 49.08 -1.58 15.46
CA ASN B 11 47.95 -2.50 15.34
C ASN B 11 46.97 -2.08 14.25
N LEU B 12 46.75 -0.79 14.09
CA LEU B 12 45.84 -0.33 13.05
C LEU B 12 46.40 -0.64 11.68
N ASN B 13 47.70 -0.45 11.50
CA ASN B 13 48.31 -0.74 10.20
C ASN B 13 48.31 -2.25 9.97
N GLN B 14 48.35 -3.01 11.07
CA GLN B 14 48.32 -4.46 10.99
C GLN B 14 46.92 -4.84 10.50
N LEU B 15 45.91 -4.22 11.10
CA LEU B 15 44.51 -4.45 10.73
C LEU B 15 44.26 -4.19 9.26
N CYS B 16 44.95 -3.18 8.72
CA CYS B 16 44.76 -2.80 7.32
C CYS B 16 45.63 -3.57 6.32
N SER B 17 46.47 -4.47 6.80
CA SER B 17 47.34 -5.24 5.91
C SER B 17 46.54 -6.11 4.94
N ASN B 18 47.14 -6.38 3.77
CA ASN B 18 46.53 -7.20 2.72
C ASN B 18 45.10 -6.78 2.40
N SER B 19 44.92 -5.48 2.15
CA SER B 19 43.60 -4.94 1.82
C SER B 19 43.83 -3.78 0.85
N ALA B 20 42.77 -3.09 0.47
CA ALA B 20 42.90 -1.96 -0.44
C ALA B 20 43.78 -0.88 0.16
N VAL B 21 43.77 -0.80 1.49
CA VAL B 21 44.55 0.21 2.20
C VAL B 21 46.05 0.04 1.99
N SER B 22 46.57 -1.16 2.26
CA SER B 22 47.99 -1.40 2.08
C SER B 22 48.34 -1.41 0.59
N HIS B 23 47.40 -1.85 -0.24
CA HIS B 23 47.64 -1.90 -1.67
C HIS B 23 47.90 -0.50 -2.26
N LEU B 24 47.33 0.52 -1.61
CA LEU B 24 47.50 1.90 -2.07
C LEU B 24 48.63 2.58 -1.31
N GLY B 25 49.35 1.81 -0.50
CA GLY B 25 50.47 2.34 0.27
C GLY B 25 50.06 3.29 1.37
N ILE B 26 48.81 3.20 1.80
CA ILE B 26 48.30 4.07 2.86
C ILE B 26 48.81 3.61 4.23
N GLU B 27 49.22 4.58 5.04
CA GLU B 27 49.72 4.26 6.38
C GLU B 27 49.03 5.14 7.42
N ILE B 28 48.48 4.54 8.47
CA ILE B 28 47.83 5.32 9.53
C ILE B 28 49.05 5.90 10.24
N SER B 29 49.25 7.20 10.09
CA SER B 29 50.42 7.92 10.57
C SER B 29 50.48 8.65 11.90
N ALA B 30 49.36 9.18 12.37
CA ALA B 30 49.40 9.93 13.62
C ALA B 30 48.00 10.19 14.13
N PHE B 31 47.91 10.55 15.41
CA PHE B 31 46.60 10.87 15.98
C PHE B 31 46.73 11.82 17.15
N GLY B 32 45.69 12.62 17.34
CA GLY B 32 45.67 13.56 18.44
C GLY B 32 44.48 13.21 19.30
N GLU B 33 44.03 14.13 20.15
CA GLU B 33 42.90 13.85 21.01
C GLU B 33 41.59 13.73 20.25
N ASP B 34 41.45 14.51 19.18
CA ASP B 34 40.23 14.50 18.39
C ASP B 34 40.46 14.51 16.89
N TRP B 35 41.55 13.91 16.44
CA TRP B 35 41.85 13.81 15.02
C TRP B 35 42.78 12.63 14.77
N ILE B 36 42.74 12.09 13.55
CA ILE B 36 43.61 10.98 13.21
C ILE B 36 43.98 11.15 11.74
N GLU B 37 45.21 10.79 11.40
CA GLU B 37 45.71 10.95 10.04
C GLU B 37 46.27 9.69 9.42
N ALA B 38 46.26 9.70 8.09
CA ALA B 38 46.79 8.60 7.29
C ALA B 38 47.49 9.26 6.12
N THR B 39 48.63 8.70 5.72
CA THR B 39 49.39 9.22 4.61
C THR B 39 49.30 8.27 3.43
N MSE B 40 49.59 8.79 2.24
CA MSE B 40 49.56 8.00 1.03
C MSE B 40 50.51 8.61 0.02
O MSE B 40 50.52 9.83 -0.19
CB MSE B 40 48.14 7.96 0.46
CG MSE B 40 47.96 7.09 -0.78
SE MSE B 40 46.14 7.04 -1.37
CE MSE B 40 46.07 8.78 -2.23
N PRO B 41 51.34 7.78 -0.61
CA PRO B 41 52.30 8.26 -1.60
C PRO B 41 51.63 8.59 -2.93
N VAL B 42 52.24 9.51 -3.67
CA VAL B 42 51.75 9.86 -4.99
C VAL B 42 52.70 9.20 -5.98
N ASP B 43 52.35 8.02 -6.45
CA ASP B 43 53.18 7.31 -7.42
C ASP B 43 52.33 6.46 -8.36
N HIS B 44 52.94 5.53 -9.08
CA HIS B 44 52.20 4.71 -10.04
C HIS B 44 50.99 3.99 -9.45
N ARG B 45 51.01 3.77 -8.14
CA ARG B 45 49.90 3.08 -7.48
C ARG B 45 48.69 4.00 -7.26
N THR B 46 48.95 5.31 -7.21
CA THR B 46 47.88 6.26 -6.92
C THR B 46 47.67 7.40 -7.92
N MSE B 47 48.45 7.43 -8.99
CA MSE B 47 48.34 8.50 -9.97
C MSE B 47 47.44 8.21 -11.16
O MSE B 47 47.16 7.05 -11.48
CB MSE B 47 49.71 8.88 -10.52
CG MSE B 47 50.70 9.41 -9.51
SE MSE B 47 52.35 9.95 -10.39
CE MSE B 47 52.80 8.28 -11.24
N GLN B 48 47.01 9.29 -11.80
CA GLN B 48 46.19 9.23 -13.01
C GLN B 48 47.22 8.93 -14.09
N PRO B 49 46.77 8.58 -15.30
CA PRO B 49 47.74 8.30 -16.37
C PRO B 49 48.66 9.50 -16.66
N PHE B 50 48.15 10.71 -16.48
CA PHE B 50 48.94 11.90 -16.78
C PHE B 50 49.88 12.45 -15.72
N GLY B 51 50.24 11.63 -14.73
CA GLY B 51 51.19 12.08 -13.73
C GLY B 51 50.78 12.84 -12.48
N VAL B 52 49.48 12.91 -12.18
CA VAL B 52 49.04 13.61 -10.98
C VAL B 52 48.19 12.66 -10.13
N LEU B 53 48.11 12.93 -8.84
CA LEU B 53 47.32 12.11 -7.93
C LEU B 53 45.92 11.90 -8.48
N HIS B 54 45.46 10.65 -8.48
CA HIS B 54 44.13 10.29 -8.97
C HIS B 54 43.08 10.70 -7.94
N GLY B 55 42.19 11.60 -8.35
CA GLY B 55 41.16 12.11 -7.45
C GLY B 55 40.30 11.03 -6.81
N GLY B 56 40.00 9.97 -7.55
CA GLY B 56 39.19 8.90 -7.01
C GLY B 56 39.91 8.18 -5.89
N VAL B 57 41.23 8.08 -6.00
CA VAL B 57 42.03 7.42 -4.99
C VAL B 57 42.15 8.31 -3.75
N SER B 58 42.06 9.63 -3.95
CA SER B 58 42.10 10.54 -2.81
C SER B 58 40.85 10.26 -1.97
N VAL B 59 39.73 10.02 -2.65
CA VAL B 59 38.50 9.73 -1.94
C VAL B 59 38.64 8.42 -1.18
N ALA B 60 39.34 7.44 -1.79
CA ALA B 60 39.56 6.16 -1.13
C ALA B 60 40.31 6.39 0.18
N LEU B 61 41.32 7.25 0.14
CA LEU B 61 42.09 7.58 1.34
C LEU B 61 41.16 8.23 2.36
N ALA B 62 40.33 9.18 1.89
CA ALA B 62 39.41 9.87 2.79
C ALA B 62 38.45 8.90 3.46
N GLU B 63 37.84 8.01 2.68
CA GLU B 63 36.91 7.06 3.28
C GLU B 63 37.62 6.14 4.27
N THR B 64 38.87 5.77 3.96
CA THR B 64 39.64 4.90 4.82
C THR B 64 39.86 5.51 6.21
N ILE B 65 40.46 6.68 6.25
CA ILE B 65 40.75 7.31 7.54
C ILE B 65 39.49 7.76 8.28
N GLY B 66 38.49 8.22 7.54
CA GLY B 66 37.25 8.65 8.19
C GLY B 66 36.51 7.47 8.81
N SER B 67 36.50 6.33 8.11
CA SER B 67 35.80 5.15 8.62
C SER B 67 36.50 4.56 9.83
N LEU B 68 37.83 4.58 9.80
CA LEU B 68 38.62 4.07 10.90
C LEU B 68 38.38 4.95 12.13
N ALA B 69 38.46 6.27 11.91
CA ALA B 69 38.25 7.23 12.97
C ALA B 69 36.89 6.99 13.64
N GLY B 70 35.86 6.81 12.81
CA GLY B 70 34.51 6.58 13.31
C GLY B 70 34.37 5.35 14.19
N SER B 71 34.99 4.25 13.80
CA SER B 71 34.89 3.02 14.59
C SER B 71 35.64 3.16 15.91
N LEU B 72 36.74 3.91 15.90
CA LEU B 72 37.51 4.11 17.11
C LEU B 72 36.79 5.01 18.10
N CYS B 73 35.72 5.66 17.64
CA CYS B 73 34.94 6.54 18.50
C CYS B 73 33.74 5.82 19.13
N LEU B 74 33.65 4.51 18.90
CA LEU B 74 32.57 3.71 19.46
C LEU B 74 33.08 2.68 20.44
N GLU B 75 32.22 2.24 21.35
CA GLU B 75 32.58 1.22 22.34
C GLU B 75 32.84 -0.09 21.60
N GLU B 76 33.52 -1.02 22.27
CA GLU B 76 33.76 -2.31 21.66
C GLU B 76 32.38 -2.89 21.38
N GLY B 77 32.28 -3.80 20.43
CA GLY B 77 31.00 -4.40 20.10
C GLY B 77 30.22 -3.61 19.06
N LYS B 78 30.77 -2.45 18.70
CA LYS B 78 30.13 -1.59 17.70
C LYS B 78 31.15 -1.17 16.66
N THR B 79 30.66 -0.85 15.46
CA THR B 79 31.55 -0.38 14.41
C THR B 79 30.72 0.47 13.47
N VAL B 80 31.30 0.87 12.34
CA VAL B 80 30.58 1.72 11.41
C VAL B 80 30.50 1.13 10.01
N VAL B 81 29.56 1.65 9.24
CA VAL B 81 29.38 1.25 7.85
C VAL B 81 29.30 2.55 7.05
N GLY B 82 30.06 2.64 5.96
CA GLY B 82 30.03 3.86 5.16
C GLY B 82 28.73 3.99 4.39
N LEU B 83 28.03 5.10 4.55
CA LEU B 83 26.78 5.32 3.85
C LEU B 83 26.99 6.12 2.57
N ASP B 84 27.69 7.24 2.69
CA ASP B 84 27.93 8.07 1.53
C ASP B 84 29.13 8.97 1.76
N ILE B 85 29.70 9.47 0.68
CA ILE B 85 30.86 10.33 0.78
C ILE B 85 30.91 11.24 -0.44
N ASN B 86 31.44 12.44 -0.24
CA ASN B 86 31.57 13.40 -1.32
C ASN B 86 32.93 14.06 -1.16
N ALA B 87 33.40 14.70 -2.22
CA ALA B 87 34.69 15.36 -2.17
C ALA B 87 34.86 16.34 -3.31
N ASN B 88 35.65 17.38 -3.07
CA ASN B 88 35.97 18.37 -4.08
C ASN B 88 37.49 18.30 -4.23
N HIS B 89 37.95 18.18 -5.47
CA HIS B 89 39.38 18.13 -5.75
C HIS B 89 39.78 19.56 -6.03
N LEU B 90 40.67 20.09 -5.20
CA LEU B 90 41.06 21.49 -5.30
C LEU B 90 42.27 21.81 -6.16
N ARG B 91 43.23 20.91 -6.22
CA ARG B 91 44.42 21.15 -7.01
C ARG B 91 45.16 19.87 -7.30
N PRO B 92 45.93 19.85 -8.40
CA PRO B 92 46.69 18.64 -8.75
C PRO B 92 47.89 18.46 -7.83
N VAL B 93 48.25 17.20 -7.58
CA VAL B 93 49.40 16.86 -6.75
C VAL B 93 50.28 15.96 -7.62
N ARG B 94 51.55 16.29 -7.76
CA ARG B 94 52.43 15.50 -8.60
C ARG B 94 53.50 14.65 -7.91
N SER B 95 53.78 14.93 -6.66
CA SER B 95 54.80 14.15 -5.97
C SER B 95 54.67 14.20 -4.45
N GLY B 96 55.51 13.42 -3.78
CA GLY B 96 55.49 13.37 -2.34
C GLY B 96 54.34 12.52 -1.83
N LYS B 97 53.94 12.75 -0.59
CA LYS B 97 52.86 12.02 0.01
C LYS B 97 51.81 13.04 0.43
N VAL B 98 50.55 12.61 0.47
CA VAL B 98 49.50 13.50 0.92
C VAL B 98 49.10 12.99 2.30
N THR B 99 48.55 13.88 3.11
CA THR B 99 48.13 13.51 4.45
C THR B 99 46.66 13.86 4.63
N ALA B 100 45.86 12.86 4.99
CA ALA B 100 44.44 13.09 5.20
C ALA B 100 44.18 13.13 6.69
N ARG B 101 43.54 14.18 7.17
CA ARG B 101 43.19 14.29 8.58
C ARG B 101 41.68 14.20 8.76
N ALA B 102 41.24 13.28 9.60
CA ALA B 102 39.82 13.09 9.86
C ALA B 102 39.47 13.71 11.20
N THR B 103 38.43 14.55 11.21
CA THR B 103 37.95 15.20 12.43
C THR B 103 36.43 15.08 12.41
N PRO B 104 35.81 14.87 13.58
CA PRO B 104 34.36 14.73 13.66
C PRO B 104 33.54 16.00 13.49
N ILE B 105 32.40 15.86 12.83
CA ILE B 105 31.47 16.97 12.64
C ILE B 105 30.34 16.71 13.62
N ASN B 106 29.85 15.48 13.65
CA ASN B 106 28.80 15.11 14.58
C ASN B 106 28.82 13.61 14.82
N LEU B 107 28.81 13.22 16.08
CA LEU B 107 28.83 11.80 16.45
C LEU B 107 27.53 11.49 17.18
N GLY B 108 26.60 10.85 16.48
CA GLY B 108 25.33 10.51 17.08
C GLY B 108 25.23 9.05 17.44
N ARG B 109 24.10 8.65 18.02
CA ARG B 109 23.93 7.26 18.40
C ARG B 109 23.80 6.33 17.20
N ASN B 110 23.18 6.83 16.14
CA ASN B 110 22.98 6.00 14.95
C ASN B 110 23.74 6.46 13.71
N ILE B 111 24.13 7.73 13.68
CA ILE B 111 24.83 8.28 12.51
C ILE B 111 26.03 9.13 12.92
N GLN B 112 27.10 9.04 12.14
CA GLN B 112 28.28 9.86 12.39
C GLN B 112 28.59 10.62 11.11
N VAL B 113 29.07 11.85 11.26
CA VAL B 113 29.44 12.67 10.11
C VAL B 113 30.87 13.14 10.33
N TRP B 114 31.74 12.85 9.37
CA TRP B 114 33.14 13.20 9.47
C TRP B 114 33.64 14.11 8.37
N GLN B 115 34.61 14.93 8.74
CA GLN B 115 35.28 15.84 7.83
C GLN B 115 36.66 15.27 7.56
N ILE B 116 37.06 15.20 6.29
CA ILE B 116 38.39 14.71 5.97
C ILE B 116 39.05 15.67 4.99
N ASP B 117 40.13 16.31 5.43
CA ASP B 117 40.85 17.24 4.59
C ASP B 117 42.22 16.64 4.25
N ILE B 118 42.58 16.71 2.98
CA ILE B 118 43.83 16.14 2.51
C ILE B 118 44.78 17.25 2.07
N ARG B 119 46.01 17.22 2.60
CA ARG B 119 47.01 18.22 2.30
C ARG B 119 48.27 17.61 1.69
N THR B 120 49.02 18.45 0.97
CA THR B 120 50.27 18.02 0.34
C THR B 120 51.39 18.17 1.36
N GLU B 121 52.59 17.77 0.96
CA GLU B 121 53.75 17.86 1.84
C GLU B 121 54.10 19.33 2.09
N GLU B 122 53.57 20.22 1.26
CA GLU B 122 53.79 21.65 1.40
C GLU B 122 52.65 22.22 2.24
N ASN B 123 51.83 21.33 2.77
CA ASN B 123 50.69 21.70 3.60
C ASN B 123 49.61 22.48 2.85
N LYS B 124 49.50 22.24 1.56
CA LYS B 124 48.48 22.89 0.75
C LYS B 124 47.29 21.93 0.64
N LEU B 125 46.08 22.45 0.79
CA LEU B 125 44.88 21.64 0.72
C LEU B 125 44.60 21.19 -0.72
N CYS B 126 44.54 19.88 -0.95
CA CYS B 126 44.27 19.39 -2.30
C CYS B 126 42.91 18.71 -2.44
N CYS B 127 42.30 18.37 -1.32
CA CYS B 127 40.98 17.71 -1.36
C CYS B 127 40.24 17.89 -0.03
N VAL B 128 38.94 18.12 -0.12
CA VAL B 128 38.09 18.25 1.07
C VAL B 128 36.98 17.24 0.87
N SER B 129 36.67 16.48 1.91
CA SER B 129 35.67 15.43 1.83
C SER B 129 34.80 15.34 3.07
N ARG B 130 33.57 14.84 2.91
CA ARG B 130 32.70 14.64 4.05
C ARG B 130 32.16 13.23 3.93
N LEU B 131 32.18 12.50 5.03
CA LEU B 131 31.75 11.11 5.07
C LEU B 131 30.62 10.90 6.08
N THR B 132 29.59 10.16 5.68
CA THR B 132 28.46 9.87 6.56
C THR B 132 28.49 8.38 6.86
N LEU B 133 28.46 8.05 8.15
CA LEU B 133 28.55 6.66 8.61
C LEU B 133 27.35 6.23 9.43
N SER B 134 27.07 4.93 9.35
CA SER B 134 25.99 4.34 10.11
C SER B 134 26.67 3.56 11.23
N VAL B 135 26.17 3.69 12.46
CA VAL B 135 26.73 2.98 13.60
C VAL B 135 25.99 1.65 13.74
N ILE B 136 26.72 0.54 13.83
CA ILE B 136 26.06 -0.74 13.97
C ILE B 136 26.56 -1.57 15.16
N ASN B 137 25.66 -2.37 15.70
CA ASN B 137 25.98 -3.25 16.82
C ASN B 137 26.26 -4.59 16.16
N LEU B 138 27.49 -5.06 16.27
CA LEU B 138 27.87 -6.33 15.66
C LEU B 138 27.05 -7.52 16.16
N LEU B 139 26.32 -7.32 17.25
CA LEU B 139 25.48 -8.38 17.80
C LEU B 139 24.09 -8.32 17.17
N MSE C 1 40.91 43.19 2.74
CA MSE C 1 40.16 41.96 3.13
C MSE C 1 40.11 40.98 1.97
O MSE C 1 40.68 41.22 0.90
CB MSE C 1 38.74 42.33 3.56
CG MSE C 1 38.67 43.38 4.66
SE MSE C 1 36.86 43.86 5.17
CE MSE C 1 36.82 43.07 6.94
N LEU C 2 39.44 39.86 2.19
CA LEU C 2 39.28 38.82 1.17
C LEU C 2 38.43 39.33 0.01
N TRP C 3 37.47 40.19 0.34
CA TRP C 3 36.57 40.74 -0.66
C TRP C 3 37.25 41.63 -1.67
N LYS C 4 36.78 41.56 -2.92
CA LYS C 4 37.34 42.37 -3.99
C LYS C 4 36.37 43.50 -4.37
N LYS C 5 35.14 43.38 -3.90
CA LYS C 5 34.13 44.39 -4.16
C LYS C 5 33.80 45.12 -2.88
N THR C 6 33.28 46.33 -3.02
CA THR C 6 32.90 47.12 -1.86
C THR C 6 31.42 46.87 -1.63
N PHE C 7 30.99 46.87 -0.37
CA PHE C 7 29.59 46.61 -0.07
C PHE C 7 29.19 46.98 1.34
N THR C 8 27.88 46.99 1.59
CA THR C 8 27.34 47.29 2.90
C THR C 8 26.23 46.27 3.12
N LEU C 9 25.95 45.95 4.37
CA LEU C 9 24.89 44.99 4.66
C LEU C 9 23.57 45.52 4.14
N GLU C 10 23.36 46.84 4.27
CA GLU C 10 22.13 47.44 3.79
C GLU C 10 21.96 47.21 2.30
N ASN C 11 23.03 47.44 1.54
CA ASN C 11 22.99 47.26 0.10
C ASN C 11 22.80 45.80 -0.31
N LEU C 12 23.40 44.88 0.44
CA LEU C 12 23.27 43.46 0.11
C LEU C 12 21.83 43.01 0.33
N ASN C 13 21.22 43.45 1.43
CA ASN C 13 19.84 43.06 1.70
C ASN C 13 18.91 43.70 0.67
N GLN C 14 19.27 44.90 0.22
CA GLN C 14 18.48 45.58 -0.78
C GLN C 14 18.54 44.74 -2.06
N LEU C 15 19.73 44.25 -2.38
CA LEU C 15 19.93 43.43 -3.57
C LEU C 15 19.15 42.12 -3.50
N CYS C 16 19.04 41.54 -2.31
CA CYS C 16 18.32 40.28 -2.13
C CYS C 16 16.81 40.44 -1.96
N SER C 17 16.32 41.69 -1.96
CA SER C 17 14.90 41.94 -1.75
C SER C 17 13.99 41.41 -2.87
N ASN C 18 12.72 41.22 -2.52
CA ASN C 18 11.69 40.72 -3.44
C ASN C 18 12.11 39.48 -4.23
N SER C 19 12.64 38.49 -3.53
CA SER C 19 13.05 37.24 -4.16
C SER C 19 12.83 36.12 -3.15
N ALA C 20 13.34 34.93 -3.46
CA ALA C 20 13.19 33.80 -2.56
C ALA C 20 13.93 34.07 -1.26
N VAL C 21 15.01 34.84 -1.34
CA VAL C 21 15.82 35.17 -0.18
C VAL C 21 14.99 35.95 0.85
N SER C 22 14.39 37.06 0.43
CA SER C 22 13.59 37.85 1.36
C SER C 22 12.30 37.11 1.71
N HIS C 23 11.81 36.26 0.81
CA HIS C 23 10.59 35.52 1.07
C HIS C 23 10.80 34.55 2.23
N LEU C 24 12.00 34.00 2.33
CA LEU C 24 12.34 33.06 3.40
C LEU C 24 12.74 33.79 4.68
N GLY C 25 12.72 35.12 4.64
CA GLY C 25 13.08 35.90 5.81
C GLY C 25 14.58 35.94 6.04
N ILE C 26 15.36 35.57 5.04
CA ILE C 26 16.80 35.57 5.15
C ILE C 26 17.33 36.99 5.16
N GLU C 27 18.31 37.24 6.03
CA GLU C 27 18.92 38.56 6.17
C GLU C 27 20.45 38.46 6.20
N ILE C 28 21.14 39.20 5.35
CA ILE C 28 22.60 39.20 5.37
C ILE C 28 22.87 39.98 6.65
N SER C 29 23.39 39.28 7.66
CA SER C 29 23.59 39.86 8.97
C SER C 29 24.93 40.38 9.46
N ALA C 30 26.03 39.87 8.91
CA ALA C 30 27.33 40.32 9.37
C ALA C 30 28.43 39.78 8.49
N PHE C 31 29.60 40.39 8.57
CA PHE C 31 30.73 39.92 7.80
C PHE C 31 32.03 40.26 8.48
N GLY C 32 33.07 39.50 8.16
CA GLY C 32 34.37 39.73 8.75
C GLY C 32 35.41 39.83 7.65
N GLU C 33 36.66 39.57 7.97
CA GLU C 33 37.72 39.65 6.98
C GLU C 33 37.62 38.59 5.90
N ASP C 34 37.21 37.38 6.27
CA ASP C 34 37.10 36.30 5.31
C ASP C 34 35.88 35.40 5.54
N TRP C 35 34.79 36.00 6.01
CA TRP C 35 33.56 35.26 6.23
C TRP C 35 32.38 36.23 6.20
N ILE C 36 31.20 35.71 5.90
CA ILE C 36 30.00 36.52 5.86
C ILE C 36 28.85 35.63 6.34
N GLU C 37 27.89 36.22 7.04
CA GLU C 37 26.78 35.45 7.57
C GLU C 37 25.41 35.98 7.20
N ALA C 38 24.45 35.06 7.26
CA ALA C 38 23.05 35.37 6.96
C ALA C 38 22.23 34.64 8.00
N THR C 39 21.17 35.27 8.48
CA THR C 39 20.29 34.64 9.46
C THR C 39 18.97 34.32 8.79
N MSE C 40 18.25 33.38 9.38
CA MSE C 40 16.96 32.98 8.85
C MSE C 40 16.12 32.51 10.03
O MSE C 40 16.60 31.78 10.89
CB MSE C 40 17.13 31.85 7.83
CG MSE C 40 15.81 31.34 7.25
SE MSE C 40 16.09 30.03 5.84
CE MSE C 40 16.62 28.57 6.98
N PRO C 41 14.85 32.96 10.10
CA PRO C 41 13.99 32.55 11.20
C PRO C 41 13.56 31.10 11.07
N VAL C 42 13.20 30.51 12.20
CA VAL C 42 12.71 29.15 12.21
C VAL C 42 11.23 29.30 12.55
N ASP C 43 10.38 29.40 11.53
CA ASP C 43 8.94 29.54 11.73
C ASP C 43 8.16 28.85 10.61
N HIS C 44 6.85 29.06 10.54
CA HIS C 44 6.05 28.39 9.52
C HIS C 44 6.53 28.63 8.09
N ARG C 45 7.33 29.66 7.90
CA ARG C 45 7.85 29.95 6.58
C ARG C 45 9.00 29.01 6.21
N THR C 46 9.68 28.52 7.23
CA THR C 46 10.86 27.69 7.04
C THR C 46 10.84 26.30 7.70
N MSE C 47 9.72 25.94 8.32
CA MSE C 47 9.62 24.65 8.99
C MSE C 47 8.84 23.61 8.20
O MSE C 47 8.03 23.93 7.33
CB MSE C 47 8.91 24.79 10.33
CG MSE C 47 9.54 25.74 11.33
SE MSE C 47 8.38 25.88 12.90
CE MSE C 47 6.72 26.19 12.01
N GLN C 48 9.10 22.35 8.51
CA GLN C 48 8.38 21.25 7.89
C GLN C 48 7.05 21.29 8.63
N PRO C 49 6.01 20.63 8.11
CA PRO C 49 4.73 20.67 8.81
C PRO C 49 4.75 20.20 10.27
N PHE C 50 5.73 19.40 10.65
CA PHE C 50 5.78 18.92 12.04
C PHE C 50 6.58 19.76 13.04
N GLY C 51 6.78 21.04 12.73
CA GLY C 51 7.45 21.92 13.68
C GLY C 51 8.96 22.08 13.79
N VAL C 52 9.72 21.51 12.85
CA VAL C 52 11.17 21.67 12.92
C VAL C 52 11.67 22.31 11.63
N LEU C 53 12.85 22.92 11.69
CA LEU C 53 13.42 23.57 10.53
C LEU C 53 13.46 22.59 9.36
N HIS C 54 13.04 23.07 8.20
CA HIS C 54 13.02 22.26 6.97
C HIS C 54 14.45 22.17 6.42
N GLY C 55 15.00 20.95 6.39
CA GLY C 55 16.36 20.76 5.91
C GLY C 55 16.61 21.29 4.50
N GLY C 56 15.61 21.19 3.64
CA GLY C 56 15.76 21.70 2.28
C GLY C 56 15.96 23.20 2.29
N VAL C 57 15.23 23.89 3.17
CA VAL C 57 15.34 25.34 3.28
C VAL C 57 16.69 25.74 3.88
N SER C 58 17.24 24.89 4.73
CA SER C 58 18.56 25.16 5.30
C SER C 58 19.57 25.19 4.16
N VAL C 59 19.37 24.31 3.18
CA VAL C 59 20.28 24.28 2.04
C VAL C 59 20.07 25.52 1.19
N ALA C 60 18.84 25.97 1.08
CA ALA C 60 18.57 27.18 0.29
C ALA C 60 19.33 28.35 0.90
N LEU C 61 19.35 28.43 2.23
CA LEU C 61 20.08 29.47 2.94
C LEU C 61 21.57 29.33 2.67
N ALA C 62 22.06 28.09 2.75
CA ALA C 62 23.48 27.83 2.49
C ALA C 62 23.89 28.28 1.09
N GLU C 63 23.10 27.93 0.08
CA GLU C 63 23.46 28.34 -1.28
C GLU C 63 23.41 29.85 -1.43
N THR C 64 22.46 30.50 -0.76
CA THR C 64 22.33 31.95 -0.82
C THR C 64 23.57 32.68 -0.35
N ILE C 65 23.96 32.44 0.90
CA ILE C 65 25.11 33.12 1.48
C ILE C 65 26.43 32.72 0.83
N GLY C 66 26.55 31.47 0.42
CA GLY C 66 27.78 31.03 -0.21
C GLY C 66 27.95 31.65 -1.60
N SER C 67 26.87 31.71 -2.36
CA SER C 67 26.92 32.30 -3.70
C SER C 67 27.19 33.80 -3.60
N LEU C 68 26.54 34.44 -2.64
CA LEU C 68 26.73 35.88 -2.43
C LEU C 68 28.21 36.10 -2.08
N ALA C 69 28.71 35.33 -1.13
CA ALA C 69 30.11 35.45 -0.71
C ALA C 69 31.01 35.30 -1.93
N GLY C 70 30.74 34.27 -2.74
CA GLY C 70 31.56 34.06 -3.93
C GLY C 70 31.60 35.27 -4.86
N SER C 71 30.44 35.85 -5.15
CA SER C 71 30.36 37.00 -6.04
C SER C 71 31.14 38.20 -5.50
N LEU C 72 31.20 38.32 -4.17
CA LEU C 72 31.92 39.43 -3.55
C LEU C 72 33.44 39.28 -3.62
N CYS C 73 33.89 38.09 -4.02
CA CYS C 73 35.32 37.82 -4.14
C CYS C 73 35.79 37.94 -5.60
N LEU C 74 34.99 38.59 -6.42
CA LEU C 74 35.33 38.78 -7.83
C LEU C 74 35.27 40.25 -8.17
N GLU C 75 36.05 40.65 -9.17
CA GLU C 75 36.05 42.03 -9.61
C GLU C 75 34.88 42.18 -10.57
N GLU C 76 34.52 43.41 -10.91
CA GLU C 76 33.42 43.65 -11.83
C GLU C 76 33.77 42.98 -13.15
N GLY C 77 32.77 42.49 -13.87
CA GLY C 77 33.05 41.82 -15.13
C GLY C 77 33.07 40.31 -14.99
N LYS C 78 32.93 39.83 -13.76
CA LYS C 78 32.91 38.40 -13.46
C LYS C 78 31.85 38.10 -12.43
N THR C 79 31.25 36.92 -12.51
CA THR C 79 30.25 36.53 -11.54
C THR C 79 30.33 35.03 -11.33
N VAL C 80 29.52 34.50 -10.41
CA VAL C 80 29.53 33.07 -10.13
C VAL C 80 28.20 32.43 -10.49
N VAL C 81 28.26 31.15 -10.83
CA VAL C 81 27.08 30.36 -11.16
C VAL C 81 27.16 29.12 -10.28
N GLY C 82 26.08 28.79 -9.60
CA GLY C 82 26.08 27.62 -8.73
C GLY C 82 26.10 26.32 -9.52
N LEU C 83 27.13 25.51 -9.30
CA LEU C 83 27.26 24.24 -10.00
C LEU C 83 26.60 23.11 -9.21
N ASP C 84 26.97 22.97 -7.95
CA ASP C 84 26.38 21.92 -7.13
C ASP C 84 26.52 22.25 -5.67
N ILE C 85 25.78 21.53 -4.84
CA ILE C 85 25.84 21.78 -3.42
C ILE C 85 25.43 20.53 -2.68
N ASN C 86 25.99 20.31 -1.50
CA ASN C 86 25.63 19.15 -0.71
C ASN C 86 25.52 19.61 0.73
N ALA C 87 24.82 18.84 1.55
CA ALA C 87 24.66 19.21 2.94
C ALA C 87 24.28 18.03 3.83
N ASN C 88 24.73 18.08 5.08
CA ASN C 88 24.37 17.05 6.06
C ASN C 88 23.59 17.78 7.14
N HIS C 89 22.41 17.27 7.47
CA HIS C 89 21.57 17.84 8.51
C HIS C 89 21.95 17.10 9.78
N LEU C 90 22.41 17.85 10.78
CA LEU C 90 22.91 17.25 12.01
C LEU C 90 21.98 17.15 13.21
N ARG C 91 21.03 18.06 13.30
CA ARG C 91 20.11 18.04 14.42
C ARG C 91 18.91 18.90 14.13
N PRO C 92 17.77 18.58 14.75
CA PRO C 92 16.56 19.36 14.52
C PRO C 92 16.63 20.73 15.19
N VAL C 93 15.94 21.70 14.62
CA VAL C 93 15.90 23.06 15.16
C VAL C 93 14.43 23.43 15.16
N ARG C 94 13.93 23.93 16.29
CA ARG C 94 12.52 24.27 16.35
C ARG C 94 12.12 25.68 16.75
N SER C 95 13.09 26.55 16.98
CA SER C 95 12.78 27.93 17.36
C SER C 95 13.95 28.85 17.16
N GLY C 96 13.69 30.15 17.28
CA GLY C 96 14.73 31.14 17.11
C GLY C 96 15.11 31.30 15.66
N LYS C 97 16.36 31.65 15.42
CA LYS C 97 16.84 31.82 14.06
C LYS C 97 18.18 31.13 13.97
N VAL C 98 18.51 30.64 12.78
CA VAL C 98 19.76 29.98 12.55
C VAL C 98 20.67 30.97 11.85
N THR C 99 21.98 30.75 11.98
CA THR C 99 22.95 31.63 11.37
C THR C 99 23.90 30.81 10.51
N ALA C 100 23.97 31.16 9.23
CA ALA C 100 24.84 30.46 8.29
C ALA C 100 26.08 31.30 7.98
N ARG C 101 27.26 30.73 8.24
CA ARG C 101 28.49 31.43 7.95
C ARG C 101 29.20 30.80 6.77
N ALA C 102 29.48 31.61 5.76
CA ALA C 102 30.17 31.12 4.58
C ALA C 102 31.64 31.48 4.66
N THR C 103 32.52 30.49 4.48
CA THR C 103 33.96 30.71 4.47
C THR C 103 34.54 29.99 3.26
N PRO C 104 35.59 30.56 2.66
CA PRO C 104 36.18 29.94 1.47
C PRO C 104 37.07 28.72 1.74
N ILE C 105 36.98 27.74 0.86
CA ILE C 105 37.82 26.55 0.96
C ILE C 105 38.90 26.76 -0.09
N ASN C 106 38.48 27.20 -1.29
CA ASN C 106 39.41 27.48 -2.38
C ASN C 106 38.77 28.39 -3.42
N LEU C 107 39.48 29.47 -3.75
CA LEU C 107 38.99 30.43 -4.74
C LEU C 107 39.95 30.43 -5.93
N GLY C 108 39.59 29.70 -6.97
CA GLY C 108 40.45 29.63 -8.14
C GLY C 108 39.98 30.53 -9.27
N ARG C 109 40.71 30.50 -10.37
CA ARG C 109 40.35 31.32 -11.54
C ARG C 109 39.07 30.87 -12.20
N ASN C 110 38.80 29.57 -12.19
CA ASN C 110 37.59 29.05 -12.84
C ASN C 110 36.55 28.42 -11.91
N ILE C 111 36.99 28.01 -10.73
CA ILE C 111 36.10 27.38 -9.77
C ILE C 111 36.33 27.86 -8.34
N GLN C 112 35.24 28.04 -7.59
CA GLN C 112 35.32 28.44 -6.19
C GLN C 112 34.60 27.36 -5.36
N VAL C 113 35.16 27.02 -4.22
CA VAL C 113 34.56 26.02 -3.33
C VAL C 113 34.34 26.69 -1.98
N TRP C 114 33.09 26.71 -1.52
CA TRP C 114 32.77 27.34 -0.25
C TRP C 114 32.22 26.39 0.79
N GLN C 115 32.56 26.67 2.04
CA GLN C 115 32.07 25.92 3.19
C GLN C 115 31.00 26.79 3.85
N ILE C 116 29.84 26.20 4.14
CA ILE C 116 28.78 26.94 4.81
C ILE C 116 28.29 26.13 6.01
N ASP C 117 28.54 26.63 7.21
CA ASP C 117 28.11 25.97 8.43
C ASP C 117 26.98 26.79 9.06
N ILE C 118 25.91 26.10 9.45
CA ILE C 118 24.75 26.74 10.03
C ILE C 118 24.61 26.34 11.51
N ARG C 119 24.45 27.35 12.37
CA ARG C 119 24.33 27.13 13.80
C ARG C 119 23.04 27.75 14.37
N THR C 120 22.59 27.19 15.48
CA THR C 120 21.38 27.66 16.15
C THR C 120 21.78 28.83 17.05
N GLU C 121 20.80 29.44 17.71
CA GLU C 121 21.08 30.56 18.59
C GLU C 121 21.91 30.09 19.78
N GLU C 122 21.93 28.78 20.01
CA GLU C 122 22.69 28.18 21.09
C GLU C 122 24.09 27.87 20.59
N ASN C 123 24.39 28.31 19.38
CA ASN C 123 25.69 28.07 18.75
C ASN C 123 26.01 26.61 18.49
N LYS C 124 24.96 25.81 18.35
CA LYS C 124 25.12 24.40 18.05
C LYS C 124 25.00 24.20 16.54
N LEU C 125 25.91 23.42 15.98
CA LEU C 125 25.95 23.14 14.55
C LEU C 125 24.75 22.27 14.12
N CYS C 126 23.92 22.78 13.22
CA CYS C 126 22.75 22.02 12.78
C CYS C 126 22.84 21.54 11.34
N CYS C 127 23.74 22.14 10.57
CA CYS C 127 23.90 21.78 9.16
C CYS C 127 25.28 22.20 8.65
N VAL C 128 25.90 21.33 7.86
CA VAL C 128 27.18 21.64 7.24
C VAL C 128 26.95 21.43 5.74
N SER C 129 27.46 22.35 4.95
CA SER C 129 27.27 22.29 3.52
C SER C 129 28.48 22.77 2.74
N ARG C 130 28.63 22.27 1.53
CA ARG C 130 29.74 22.70 0.67
C ARG C 130 29.13 23.06 -0.68
N LEU C 131 29.57 24.19 -1.21
CA LEU C 131 29.05 24.72 -2.46
C LEU C 131 30.16 24.88 -3.49
N THR C 132 29.89 24.46 -4.72
CA THR C 132 30.86 24.57 -5.81
C THR C 132 30.32 25.59 -6.81
N LEU C 133 31.11 26.63 -7.05
CA LEU C 133 30.72 27.71 -7.96
C LEU C 133 31.65 27.81 -9.16
N SER C 134 31.05 28.13 -10.31
CA SER C 134 31.82 28.32 -11.52
C SER C 134 32.05 29.83 -11.65
N VAL C 135 33.28 30.24 -11.96
CA VAL C 135 33.59 31.66 -12.13
C VAL C 135 33.49 31.98 -13.61
N ILE C 136 32.55 32.84 -14.00
CA ILE C 136 32.41 33.17 -15.40
C ILE C 136 32.79 34.60 -15.76
N ASN C 137 33.43 34.75 -16.91
CA ASN C 137 33.83 36.06 -17.39
C ASN C 137 32.67 36.62 -18.23
N LEU C 138 32.10 37.74 -17.78
CA LEU C 138 30.97 38.34 -18.48
C LEU C 138 31.33 38.84 -19.88
N LEU C 139 32.57 38.57 -20.30
CA LEU C 139 33.09 38.95 -21.61
C LEU C 139 32.28 39.98 -22.39
N MSE D 1 3.62 -2.39 -5.85
CA MSE D 1 3.48 -0.99 -5.34
C MSE D 1 4.48 -0.72 -4.21
O MSE D 1 4.82 -1.61 -3.44
CB MSE D 1 2.06 -0.77 -4.86
CG MSE D 1 1.75 0.65 -4.47
SE MSE D 1 -0.11 0.88 -4.07
CE MSE D 1 -0.10 0.33 -2.23
N LEU D 2 4.94 0.52 -4.13
CA LEU D 2 5.91 0.94 -3.13
C LEU D 2 5.32 1.35 -1.79
N TRP D 3 4.23 2.11 -1.86
CA TRP D 3 3.57 2.67 -0.67
C TRP D 3 3.10 1.68 0.39
N LYS D 4 3.27 2.08 1.65
CA LYS D 4 2.87 1.27 2.80
C LYS D 4 1.93 2.08 3.70
N LYS D 5 1.68 3.33 3.30
CA LYS D 5 0.79 4.24 4.02
C LYS D 5 -0.22 4.72 3.00
N THR D 6 -1.49 4.83 3.39
CA THR D 6 -2.49 5.35 2.47
C THR D 6 -2.37 6.86 2.47
N PHE D 7 -2.75 7.50 1.37
CA PHE D 7 -2.66 8.95 1.29
C PHE D 7 -3.43 9.48 0.08
N THR D 8 -3.71 10.77 0.09
CA THR D 8 -4.38 11.44 -1.03
C THR D 8 -3.63 12.73 -1.24
N LEU D 9 -3.56 13.20 -2.48
CA LEU D 9 -2.85 14.44 -2.75
C LEU D 9 -3.53 15.59 -2.01
N GLU D 10 -4.85 15.50 -1.84
CA GLU D 10 -5.59 16.55 -1.15
C GLU D 10 -5.15 16.65 0.31
N ASN D 11 -5.10 15.52 0.99
CA ASN D 11 -4.71 15.47 2.38
C ASN D 11 -3.25 15.86 2.60
N LEU D 12 -2.37 15.40 1.70
CA LEU D 12 -0.96 15.72 1.80
C LEU D 12 -0.74 17.23 1.66
N ASN D 13 -1.42 17.84 0.70
CA ASN D 13 -1.28 19.27 0.51
C ASN D 13 -1.87 20.02 1.71
N GLN D 14 -2.89 19.43 2.32
CA GLN D 14 -3.51 20.02 3.50
C GLN D 14 -2.50 19.96 4.65
N LEU D 15 -1.86 18.80 4.79
CA LEU D 15 -0.86 18.58 5.82
C LEU D 15 0.33 19.53 5.65
N CYS D 16 0.62 19.88 4.40
CA CYS D 16 1.74 20.77 4.10
C CYS D 16 1.40 22.26 4.22
N SER D 17 0.12 22.57 4.44
CA SER D 17 -0.28 23.96 4.57
C SER D 17 0.44 24.59 5.78
N ASN D 18 0.63 25.89 5.72
CA ASN D 18 1.32 26.64 6.77
C ASN D 18 2.69 26.07 7.12
N SER D 19 3.49 25.80 6.11
CA SER D 19 4.85 25.28 6.31
C SER D 19 5.73 25.85 5.20
N ALA D 20 7.00 25.49 5.21
CA ALA D 20 7.92 25.98 4.18
C ALA D 20 7.46 25.49 2.81
N VAL D 21 6.77 24.36 2.79
CA VAL D 21 6.28 23.79 1.55
C VAL D 21 5.25 24.70 0.88
N SER D 22 4.19 25.02 1.61
CA SER D 22 3.16 25.89 1.07
C SER D 22 3.73 27.29 0.84
N HIS D 23 4.64 27.72 1.70
CA HIS D 23 5.22 29.06 1.57
C HIS D 23 5.94 29.23 0.23
N LEU D 24 6.48 28.14 -0.31
CA LEU D 24 7.18 28.17 -1.59
C LEU D 24 6.26 27.85 -2.77
N GLY D 25 4.97 27.65 -2.49
CA GLY D 25 4.02 27.35 -3.55
C GLY D 25 4.11 25.93 -4.08
N ILE D 26 4.77 25.07 -3.33
CA ILE D 26 4.93 23.67 -3.72
C ILE D 26 3.64 22.87 -3.55
N GLU D 27 3.30 22.10 -4.57
CA GLU D 27 2.10 21.27 -4.54
C GLU D 27 2.45 19.82 -4.87
N ILE D 28 2.03 18.88 -4.02
CA ILE D 28 2.26 17.47 -4.31
C ILE D 28 1.26 17.29 -5.45
N SER D 29 1.78 17.00 -6.64
CA SER D 29 0.98 16.95 -7.85
C SER D 29 0.54 15.65 -8.51
N ALA D 30 1.28 14.57 -8.29
CA ALA D 30 0.92 13.31 -8.93
C ALA D 30 1.72 12.16 -8.36
N PHE D 31 1.26 10.94 -8.60
CA PHE D 31 1.96 9.77 -8.12
C PHE D 31 1.64 8.52 -8.92
N GLY D 32 2.52 7.54 -8.85
CA GLY D 32 2.32 6.28 -9.55
C GLY D 32 2.62 5.16 -8.58
N GLU D 33 2.83 3.95 -9.08
CA GLU D 33 3.13 2.84 -8.19
C GLU D 33 4.48 2.95 -7.51
N ASP D 34 5.45 3.60 -8.16
CA ASP D 34 6.77 3.73 -7.56
C ASP D 34 7.44 5.09 -7.79
N TRP D 35 6.63 6.15 -7.86
CA TRP D 35 7.14 7.49 -8.02
C TRP D 35 6.08 8.50 -7.57
N ILE D 36 6.53 9.67 -7.15
CA ILE D 36 5.62 10.72 -6.73
C ILE D 36 6.22 12.07 -7.10
N GLU D 37 5.37 13.02 -7.48
CA GLU D 37 5.84 14.33 -7.91
C GLU D 37 5.28 15.51 -7.15
N ALA D 38 6.01 16.62 -7.23
CA ALA D 38 5.61 17.88 -6.62
C ALA D 38 6.01 18.98 -7.60
N THR D 39 5.16 19.99 -7.73
CA THR D 39 5.44 21.11 -8.63
C THR D 39 5.71 22.35 -7.82
N MSE D 40 6.38 23.31 -8.44
CA MSE D 40 6.70 24.56 -7.77
C MSE D 40 6.81 25.65 -8.82
O MSE D 40 7.49 25.48 -9.83
CB MSE D 40 8.03 24.44 -6.99
CG MSE D 40 8.39 25.68 -6.15
SE MSE D 40 10.04 25.41 -5.17
CE MSE D 40 11.30 25.42 -6.64
N PRO D 41 6.14 26.78 -8.59
CA PRO D 41 6.20 27.87 -9.57
C PRO D 41 7.51 28.62 -9.51
N VAL D 42 7.86 29.26 -10.62
CA VAL D 42 9.07 30.04 -10.69
C VAL D 42 8.61 31.50 -10.63
N ASP D 43 8.60 32.08 -9.44
CA ASP D 43 8.19 33.48 -9.27
C ASP D 43 8.95 34.14 -8.13
N HIS D 44 8.45 35.30 -7.66
CA HIS D 44 9.10 36.04 -6.59
C HIS D 44 9.38 35.22 -5.33
N ARG D 45 8.59 34.17 -5.12
CA ARG D 45 8.76 33.33 -3.94
C ARG D 45 9.91 32.35 -4.07
N THR D 46 10.26 32.02 -5.29
CA THR D 46 11.31 31.02 -5.55
C THR D 46 12.48 31.45 -6.44
N MSE D 47 12.46 32.67 -6.94
CA MSE D 47 13.54 33.14 -7.81
C MSE D 47 14.64 33.89 -7.08
O MSE D 47 14.45 34.39 -5.97
CB MSE D 47 13.02 34.09 -8.90
CG MSE D 47 11.98 33.50 -9.84
SE MSE D 47 11.51 34.84 -11.19
CE MSE D 47 10.86 36.22 -10.01
N GLN D 48 15.81 33.95 -7.72
CA GLN D 48 16.93 34.70 -7.19
C GLN D 48 16.62 36.14 -7.55
N PRO D 49 17.38 37.11 -7.02
CA PRO D 49 17.07 38.49 -7.37
C PRO D 49 17.18 38.84 -8.86
N PHE D 50 17.78 37.95 -9.67
CA PHE D 50 17.90 38.24 -11.09
C PHE D 50 17.00 37.50 -12.07
N GLY D 51 15.80 37.13 -11.63
CA GLY D 51 14.86 36.48 -12.53
C GLY D 51 14.89 35.00 -12.83
N VAL D 52 15.81 34.24 -12.24
CA VAL D 52 15.84 32.81 -12.50
C VAL D 52 15.59 32.03 -11.21
N LEU D 53 15.13 30.79 -11.36
CA LEU D 53 14.85 29.91 -10.22
C LEU D 53 16.07 29.83 -9.31
N HIS D 54 15.84 29.99 -8.01
CA HIS D 54 16.90 29.92 -7.01
C HIS D 54 17.34 28.46 -6.85
N GLY D 55 18.62 28.18 -7.13
CA GLY D 55 19.11 26.82 -7.00
C GLY D 55 18.90 26.18 -5.65
N GLY D 56 19.04 26.97 -4.58
CA GLY D 56 18.85 26.44 -3.24
C GLY D 56 17.41 26.02 -3.02
N VAL D 57 16.47 26.81 -3.52
CA VAL D 57 15.06 26.50 -3.38
C VAL D 57 14.74 25.22 -4.16
N SER D 58 15.43 24.99 -5.26
CA SER D 58 15.21 23.76 -6.04
C SER D 58 15.56 22.57 -5.16
N VAL D 59 16.63 22.70 -4.37
CA VAL D 59 17.02 21.62 -3.48
C VAL D 59 15.95 21.48 -2.37
N ALA D 60 15.36 22.59 -1.98
CA ALA D 60 14.32 22.57 -0.95
C ALA D 60 13.15 21.74 -1.47
N LEU D 61 12.85 21.88 -2.75
CA LEU D 61 11.76 21.13 -3.37
C LEU D 61 12.14 19.65 -3.44
N ALA D 62 13.39 19.38 -3.80
CA ALA D 62 13.86 17.99 -3.90
C ALA D 62 13.79 17.29 -2.54
N GLU D 63 14.22 17.97 -1.48
CA GLU D 63 14.18 17.35 -0.16
C GLU D 63 12.74 17.15 0.29
N THR D 64 11.85 18.06 -0.12
CA THR D 64 10.45 17.93 0.23
C THR D 64 9.82 16.65 -0.34
N ILE D 65 9.88 16.50 -1.66
CA ILE D 65 9.27 15.34 -2.30
C ILE D 65 9.99 14.03 -1.98
N GLY D 66 11.30 14.07 -1.84
CA GLY D 66 12.03 12.85 -1.52
C GLY D 66 11.72 12.36 -0.12
N SER D 67 11.68 13.27 0.85
CA SER D 67 11.37 12.90 2.24
C SER D 67 9.93 12.39 2.35
N LEU D 68 9.00 13.06 1.69
CA LEU D 68 7.60 12.64 1.73
C LEU D 68 7.49 11.23 1.18
N ALA D 69 8.09 11.02 0.01
CA ALA D 69 8.07 9.72 -0.65
C ALA D 69 8.58 8.62 0.26
N GLY D 70 9.69 8.89 0.94
CA GLY D 70 10.26 7.89 1.84
C GLY D 70 9.36 7.56 3.02
N SER D 71 8.69 8.57 3.56
CA SER D 71 7.81 8.35 4.69
C SER D 71 6.59 7.51 4.27
N LEU D 72 6.19 7.62 3.01
CA LEU D 72 5.05 6.86 2.53
C LEU D 72 5.40 5.39 2.24
N CYS D 73 6.68 5.06 2.28
CA CYS D 73 7.14 3.70 2.01
C CYS D 73 7.37 2.91 3.30
N LEU D 74 6.85 3.45 4.41
CA LEU D 74 7.01 2.81 5.71
C LEU D 74 5.66 2.60 6.38
N GLU D 75 5.55 1.55 7.19
CA GLU D 75 4.31 1.28 7.89
C GLU D 75 4.19 2.21 9.08
N GLU D 76 2.98 2.37 9.60
CA GLU D 76 2.74 3.21 10.76
C GLU D 76 3.74 2.82 11.83
N GLY D 77 4.20 3.79 12.60
CA GLY D 77 5.16 3.48 13.66
C GLY D 77 6.59 3.73 13.23
N LYS D 78 6.78 4.08 11.97
CA LYS D 78 8.09 4.38 11.43
C LYS D 78 8.03 5.62 10.57
N THR D 79 9.12 6.37 10.52
CA THR D 79 9.17 7.56 9.70
C THR D 79 10.61 7.74 9.25
N VAL D 80 10.88 8.84 8.54
CA VAL D 80 12.24 9.10 8.07
C VAL D 80 12.72 10.46 8.54
N VAL D 81 14.04 10.61 8.54
CA VAL D 81 14.69 11.86 8.91
C VAL D 81 15.76 12.13 7.85
N GLY D 82 15.78 13.33 7.30
CA GLY D 82 16.79 13.66 6.29
C GLY D 82 18.19 13.69 6.86
N LEU D 83 19.10 12.91 6.28
CA LEU D 83 20.49 12.86 6.72
C LEU D 83 21.35 13.79 5.90
N ASP D 84 21.24 13.68 4.58
CA ASP D 84 22.03 14.52 3.70
C ASP D 84 21.43 14.55 2.32
N ILE D 85 21.81 15.56 1.55
CA ILE D 85 21.30 15.71 0.19
C ILE D 85 22.34 16.45 -0.62
N ASN D 86 22.37 16.16 -1.92
CA ASN D 86 23.31 16.83 -2.81
C ASN D 86 22.55 17.09 -4.10
N ALA D 87 23.05 18.01 -4.92
CA ALA D 87 22.38 18.33 -6.16
C ALA D 87 23.28 19.10 -7.11
N ASN D 88 23.02 18.91 -8.40
CA ASN D 88 23.75 19.62 -9.46
C ASN D 88 22.74 20.46 -10.22
N HIS D 89 23.05 21.73 -10.40
CA HIS D 89 22.17 22.63 -11.12
C HIS D 89 22.66 22.56 -12.56
N LEU D 90 21.77 22.17 -13.46
CA LEU D 90 22.13 21.98 -14.86
C LEU D 90 21.79 23.12 -15.81
N ARG D 91 20.77 23.89 -15.50
CA ARG D 91 20.39 25.00 -16.35
C ARG D 91 19.44 25.94 -15.65
N PRO D 92 19.46 27.22 -16.04
CA PRO D 92 18.57 28.21 -15.43
C PRO D 92 17.13 28.04 -15.89
N VAL D 93 16.19 28.43 -15.04
CA VAL D 93 14.77 28.34 -15.36
C VAL D 93 14.20 29.70 -15.04
N ARG D 94 13.47 30.30 -15.98
CA ARG D 94 12.91 31.63 -15.71
C ARG D 94 11.40 31.79 -15.76
N SER D 95 10.66 30.73 -16.04
CA SER D 95 9.21 30.86 -16.08
C SER D 95 8.47 29.54 -15.87
N GLY D 96 7.16 29.63 -15.70
CA GLY D 96 6.35 28.46 -15.49
C GLY D 96 6.65 27.80 -14.17
N LYS D 97 6.42 26.50 -14.09
CA LYS D 97 6.70 25.78 -12.86
C LYS D 97 7.55 24.56 -13.17
N VAL D 98 8.29 24.11 -12.18
CA VAL D 98 9.14 22.94 -12.36
C VAL D 98 8.48 21.76 -11.66
N THR D 99 8.80 20.56 -12.13
CA THR D 99 8.22 19.35 -11.56
C THR D 99 9.35 18.46 -11.08
N ALA D 100 9.29 18.07 -9.82
CA ALA D 100 10.31 17.19 -9.24
C ALA D 100 9.71 15.81 -9.05
N ARG D 101 10.38 14.80 -9.59
CA ARG D 101 9.91 13.43 -9.44
C ARG D 101 10.88 12.60 -8.60
N ALA D 102 10.36 12.04 -7.51
CA ALA D 102 11.16 11.22 -6.61
C ALA D 102 10.97 9.75 -6.92
N THR D 103 12.09 9.06 -7.12
CA THR D 103 12.08 7.62 -7.41
C THR D 103 13.11 7.00 -6.47
N PRO D 104 12.83 5.79 -5.96
CA PRO D 104 13.75 5.11 -5.05
C PRO D 104 14.97 4.50 -5.71
N ILE D 105 16.10 4.61 -5.02
CA ILE D 105 17.35 4.03 -5.49
C ILE D 105 17.52 2.76 -4.66
N ASN D 106 17.27 2.88 -3.36
CA ASN D 106 17.35 1.72 -2.47
C ASN D 106 16.60 2.00 -1.18
N LEU D 107 15.68 1.09 -0.83
CA LEU D 107 14.90 1.23 0.39
C LEU D 107 15.32 0.15 1.37
N GLY D 108 16.27 0.48 2.24
CA GLY D 108 16.74 -0.48 3.21
C GLY D 108 15.98 -0.41 4.53
N ARG D 109 16.32 -1.31 5.45
CA ARG D 109 15.67 -1.35 6.75
C ARG D 109 16.06 -0.17 7.64
N ASN D 110 17.27 0.34 7.48
CA ASN D 110 17.74 1.48 8.28
C ASN D 110 18.01 2.74 7.48
N ILE D 111 18.23 2.58 6.17
CA ILE D 111 18.53 3.72 5.30
C ILE D 111 17.81 3.64 3.95
N GLN D 112 17.35 4.78 3.47
CA GLN D 112 16.69 4.88 2.16
C GLN D 112 17.50 5.90 1.35
N VAL D 113 17.65 5.65 0.05
CA VAL D 113 18.36 6.57 -0.83
C VAL D 113 17.40 6.88 -1.95
N TRP D 114 17.13 8.16 -2.16
CA TRP D 114 16.19 8.58 -3.19
C TRP D 114 16.79 9.46 -4.27
N GLN D 115 16.29 9.29 -5.49
CA GLN D 115 16.71 10.08 -6.64
C GLN D 115 15.60 11.11 -6.87
N ILE D 116 15.98 12.37 -7.08
CA ILE D 116 14.97 13.38 -7.35
C ILE D 116 15.45 14.20 -8.55
N ASP D 117 14.72 14.10 -9.65
CA ASP D 117 15.07 14.85 -10.85
C ASP D 117 14.02 15.92 -11.05
N ILE D 118 14.47 17.12 -11.38
CA ILE D 118 13.58 18.24 -11.58
C ILE D 118 13.61 18.70 -13.04
N ARG D 119 12.43 18.81 -13.63
CA ARG D 119 12.29 19.21 -15.03
C ARG D 119 11.46 20.47 -15.19
N THR D 120 11.71 21.20 -16.28
CA THR D 120 10.98 22.43 -16.58
C THR D 120 9.71 22.05 -17.29
N GLU D 121 8.85 23.04 -17.55
CA GLU D 121 7.60 22.75 -18.24
C GLU D 121 7.91 22.30 -19.67
N GLU D 122 9.14 22.52 -20.12
CA GLU D 122 9.56 22.13 -21.46
C GLU D 122 10.14 20.71 -21.39
N ASN D 123 9.98 20.07 -20.24
CA ASN D 123 10.48 18.71 -20.04
C ASN D 123 12.00 18.64 -20.06
N LYS D 124 12.66 19.76 -19.79
CA LYS D 124 14.12 19.78 -19.76
C LYS D 124 14.61 19.60 -18.33
N LEU D 125 15.69 18.82 -18.17
CA LEU D 125 16.27 18.57 -16.86
C LEU D 125 17.03 19.79 -16.34
N CYS D 126 16.59 20.34 -15.21
CA CYS D 126 17.26 21.51 -14.66
C CYS D 126 18.02 21.21 -13.37
N CYS D 127 17.69 20.11 -12.71
CA CYS D 127 18.36 19.77 -11.45
C CYS D 127 18.28 18.26 -11.17
N VAL D 128 19.36 17.70 -10.64
CA VAL D 128 19.40 16.29 -10.27
C VAL D 128 19.87 16.28 -8.82
N SER D 129 19.21 15.48 -8.00
CA SER D 129 19.53 15.44 -6.58
C SER D 129 19.43 14.02 -6.02
N ARG D 130 20.18 13.76 -4.95
CA ARG D 130 20.10 12.47 -4.30
C ARG D 130 19.95 12.78 -2.80
N LEU D 131 19.00 12.10 -2.17
CA LEU D 131 18.69 12.30 -0.76
C LEU D 131 18.89 11.01 0.01
N THR D 132 19.53 11.12 1.18
CA THR D 132 19.77 9.97 2.03
C THR D 132 18.91 10.12 3.29
N LEU D 133 18.10 9.10 3.58
CA LEU D 133 17.20 9.13 4.73
C LEU D 133 17.46 8.02 5.73
N SER D 134 17.29 8.34 7.00
CA SER D 134 17.44 7.37 8.07
C SER D 134 16.04 6.89 8.41
N VAL D 135 15.84 5.58 8.48
CA VAL D 135 14.52 5.04 8.84
C VAL D 135 14.49 4.99 10.36
N ILE D 136 13.51 5.67 10.94
CA ILE D 136 13.36 5.76 12.39
C ILE D 136 12.19 4.96 12.93
N ASN D 137 12.45 4.16 13.97
CA ASN D 137 11.38 3.39 14.62
C ASN D 137 10.89 4.33 15.72
N LEU D 138 9.75 4.96 15.49
CA LEU D 138 9.20 5.91 16.46
C LEU D 138 9.19 5.44 17.90
N LEU D 139 8.82 4.18 18.12
CA LEU D 139 8.77 3.62 19.46
C LEU D 139 10.16 3.62 20.08
N GLU D 140 11.13 3.12 19.33
CA GLU D 140 12.51 3.06 19.78
C GLU D 140 13.09 4.45 19.98
N HIS D 141 12.79 5.35 19.06
CA HIS D 141 13.29 6.72 19.13
C HIS D 141 12.77 7.42 20.39
N HIS D 142 11.50 7.20 20.71
CA HIS D 142 10.90 7.81 21.89
C HIS D 142 11.56 7.28 23.17
N HIS D 143 11.80 5.97 23.19
CA HIS D 143 12.40 5.33 24.35
C HIS D 143 13.81 5.83 24.64
N HIS D 144 14.47 6.39 23.62
CA HIS D 144 15.83 6.89 23.80
C HIS D 144 15.93 8.41 23.70
N HIS D 145 14.79 9.08 23.53
CA HIS D 145 14.76 10.53 23.42
C HIS D 145 13.64 11.13 24.27
N HIS D 146 12.49 10.46 24.27
CA HIS D 146 11.32 10.90 25.02
C HIS D 146 10.72 12.19 24.45
N MSE E 1 -57.78 -16.26 -6.31
CA MSE E 1 -56.32 -16.21 -6.60
C MSE E 1 -55.52 -16.07 -5.32
O MSE E 1 -56.03 -16.32 -4.22
CB MSE E 1 -56.00 -15.03 -7.53
CG MSE E 1 -56.86 -14.96 -8.77
SE MSE E 1 -56.37 -13.47 -9.92
CE MSE E 1 -57.05 -12.03 -8.83
N LEU E 2 -54.27 -15.62 -5.44
CA LEU E 2 -53.41 -15.44 -4.28
C LEU E 2 -53.63 -14.09 -3.61
N TRP E 3 -53.87 -13.07 -4.42
CA TRP E 3 -54.06 -11.70 -3.95
C TRP E 3 -55.28 -11.46 -3.05
N LYS E 4 -55.12 -10.56 -2.09
CA LYS E 4 -56.19 -10.20 -1.16
C LYS E 4 -56.62 -8.76 -1.34
N LYS E 5 -55.83 -7.99 -2.07
CA LYS E 5 -56.14 -6.59 -2.35
C LYS E 5 -56.53 -6.51 -3.82
N THR E 6 -57.33 -5.51 -4.16
CA THR E 6 -57.76 -5.32 -5.54
C THR E 6 -56.81 -4.28 -6.15
N PHE E 7 -56.43 -4.45 -7.41
CA PHE E 7 -55.51 -3.50 -8.01
C PHE E 7 -55.49 -3.54 -9.54
N THR E 8 -54.84 -2.54 -10.11
CA THR E 8 -54.67 -2.45 -11.55
C THR E 8 -53.21 -2.08 -11.72
N LEU E 9 -52.61 -2.53 -12.82
CA LEU E 9 -51.21 -2.23 -13.08
C LEU E 9 -50.96 -0.73 -13.18
N GLU E 10 -51.94 0.02 -13.69
CA GLU E 10 -51.76 1.47 -13.79
C GLU E 10 -51.65 2.07 -12.39
N ASN E 11 -52.47 1.56 -11.48
CA ASN E 11 -52.48 2.04 -10.10
C ASN E 11 -51.16 1.72 -9.37
N LEU E 12 -50.67 0.51 -9.55
CA LEU E 12 -49.43 0.12 -8.90
C LEU E 12 -48.26 0.97 -9.42
N ASN E 13 -48.24 1.23 -10.72
CA ASN E 13 -47.18 2.05 -11.28
C ASN E 13 -47.30 3.48 -10.77
N GLN E 14 -48.53 3.96 -10.63
CA GLN E 14 -48.77 5.30 -10.12
C GLN E 14 -48.18 5.40 -8.72
N LEU E 15 -48.46 4.38 -7.91
CA LEU E 15 -47.98 4.31 -6.53
C LEU E 15 -46.45 4.33 -6.45
N CYS E 16 -45.80 3.72 -7.44
CA CYS E 16 -44.33 3.65 -7.46
C CYS E 16 -43.67 4.88 -8.07
N SER E 17 -44.46 5.82 -8.55
CA SER E 17 -43.92 7.03 -9.17
C SER E 17 -43.09 7.88 -8.21
N ASN E 18 -42.21 8.70 -8.77
CA ASN E 18 -41.33 9.58 -7.99
C ASN E 18 -40.68 8.85 -6.81
N SER E 19 -39.97 7.77 -7.11
CA SER E 19 -39.28 6.99 -6.10
C SER E 19 -38.13 6.28 -6.79
N ALA E 20 -37.41 5.43 -6.07
CA ALA E 20 -36.29 4.71 -6.64
C ALA E 20 -36.79 3.77 -7.75
N VAL E 21 -38.01 3.26 -7.59
CA VAL E 21 -38.58 2.36 -8.57
C VAL E 21 -38.69 3.02 -9.93
N SER E 22 -39.39 4.15 -10.01
CA SER E 22 -39.54 4.87 -11.26
C SER E 22 -38.19 5.43 -11.73
N HIS E 23 -37.33 5.75 -10.77
CA HIS E 23 -36.02 6.29 -11.09
C HIS E 23 -35.17 5.28 -11.88
N LEU E 24 -35.35 4.00 -11.58
CA LEU E 24 -34.59 2.94 -12.26
C LEU E 24 -35.31 2.41 -13.50
N GLY E 25 -36.40 3.07 -13.89
CA GLY E 25 -37.15 2.64 -15.06
C GLY E 25 -37.95 1.37 -14.84
N ILE E 26 -38.16 1.01 -13.58
CA ILE E 26 -38.91 -0.20 -13.26
C ILE E 26 -40.39 0.01 -13.51
N GLU E 27 -41.04 -1.00 -14.07
CA GLU E 27 -42.47 -0.94 -14.36
C GLU E 27 -43.15 -2.24 -13.94
N ILE E 28 -44.23 -2.13 -13.18
CA ILE E 28 -44.97 -3.33 -12.78
C ILE E 28 -45.63 -3.70 -14.10
N SER E 29 -45.17 -4.79 -14.70
CA SER E 29 -45.62 -5.21 -16.03
C SER E 29 -46.73 -6.23 -16.24
N ALA E 30 -46.92 -7.13 -15.29
CA ALA E 30 -47.94 -8.16 -15.47
C ALA E 30 -48.13 -8.97 -14.22
N PHE E 31 -49.24 -9.70 -14.16
CA PHE E 31 -49.49 -10.56 -13.01
C PHE E 31 -50.39 -11.72 -13.37
N GLY E 32 -50.24 -12.80 -12.60
CA GLY E 32 -51.04 -13.98 -12.83
C GLY E 32 -51.77 -14.33 -11.55
N GLU E 33 -52.32 -15.53 -11.49
CA GLU E 33 -53.04 -15.96 -10.29
C GLU E 33 -52.12 -16.06 -9.08
N ASP E 34 -50.88 -16.47 -9.29
CA ASP E 34 -49.94 -16.61 -8.18
C ASP E 34 -48.53 -16.11 -8.47
N TRP E 35 -48.43 -15.12 -9.35
CA TRP E 35 -47.14 -14.51 -9.68
C TRP E 35 -47.37 -13.09 -10.16
N ILE E 36 -46.33 -12.25 -10.03
CA ILE E 36 -46.42 -10.88 -10.50
C ILE E 36 -45.03 -10.50 -11.01
N GLU E 37 -45.00 -9.74 -12.10
CA GLU E 37 -43.74 -9.34 -12.71
C GLU E 37 -43.50 -7.83 -12.84
N ALA E 38 -42.24 -7.47 -12.96
CA ALA E 38 -41.81 -6.09 -13.13
C ALA E 38 -40.66 -6.14 -14.14
N THR E 39 -40.58 -5.14 -15.01
CA THR E 39 -39.51 -5.09 -15.99
C THR E 39 -38.58 -3.93 -15.67
N MSE E 40 -37.38 -3.97 -16.22
CA MSE E 40 -36.40 -2.91 -15.98
C MSE E 40 -35.44 -2.89 -17.15
O MSE E 40 -34.95 -3.92 -17.61
CB MSE E 40 -35.64 -3.17 -14.69
CG MSE E 40 -34.63 -2.07 -14.33
SE MSE E 40 -33.80 -2.40 -12.62
CE MSE E 40 -32.65 -3.85 -13.15
N PRO E 41 -35.15 -1.69 -17.67
CA PRO E 41 -34.24 -1.57 -18.80
C PRO E 41 -32.79 -1.77 -18.38
N VAL E 42 -31.96 -2.09 -19.37
CA VAL E 42 -30.53 -2.27 -19.13
C VAL E 42 -29.85 -1.13 -19.89
N ASP E 43 -29.71 0.01 -19.22
CA ASP E 43 -29.07 1.17 -19.84
C ASP E 43 -28.24 1.91 -18.80
N HIS E 44 -27.83 3.14 -19.11
CA HIS E 44 -26.99 3.89 -18.18
C HIS E 44 -27.57 4.04 -16.78
N ARG E 45 -28.88 3.89 -16.65
CA ARG E 45 -29.52 4.04 -15.34
C ARG E 45 -29.33 2.80 -14.47
N THR E 46 -29.10 1.66 -15.10
CA THR E 46 -28.99 0.40 -14.36
C THR E 46 -27.72 -0.42 -14.56
N MSE E 47 -26.78 0.06 -15.36
CA MSE E 47 -25.55 -0.69 -15.58
C MSE E 47 -24.42 -0.34 -14.61
O MSE E 47 -24.39 0.75 -14.05
CB MSE E 47 -25.03 -0.44 -17.00
CG MSE E 47 -25.98 -0.82 -18.11
SE MSE E 47 -25.17 -0.50 -19.84
CE MSE E 47 -25.15 1.42 -19.82
N GLN E 48 -23.51 -1.29 -14.42
CA GLN E 48 -22.34 -1.06 -13.58
C GLN E 48 -21.43 -0.25 -14.50
N PRO E 49 -20.36 0.35 -13.98
CA PRO E 49 -19.49 1.14 -14.86
C PRO E 49 -18.69 0.34 -15.87
N PHE E 50 -18.93 -0.97 -15.97
CA PHE E 50 -18.19 -1.77 -16.91
C PHE E 50 -19.00 -2.37 -18.05
N GLY E 51 -20.07 -1.69 -18.43
CA GLY E 51 -20.89 -2.13 -19.56
C GLY E 51 -21.87 -3.27 -19.44
N VAL E 52 -22.31 -3.60 -18.22
CA VAL E 52 -23.28 -4.67 -18.05
C VAL E 52 -24.24 -4.30 -16.93
N LEU E 53 -25.37 -4.99 -16.86
CA LEU E 53 -26.36 -4.72 -15.82
C LEU E 53 -25.73 -4.81 -14.43
N HIS E 54 -26.05 -3.84 -13.58
CA HIS E 54 -25.54 -3.80 -12.22
C HIS E 54 -26.26 -4.87 -11.37
N GLY E 55 -25.50 -5.83 -10.86
CA GLY E 55 -26.09 -6.88 -10.04
C GLY E 55 -26.79 -6.36 -8.81
N GLY E 56 -26.29 -5.27 -8.25
CA GLY E 56 -26.92 -4.70 -7.07
C GLY E 56 -28.28 -4.15 -7.44
N VAL E 57 -28.37 -3.56 -8.63
CA VAL E 57 -29.63 -3.00 -9.10
C VAL E 57 -30.63 -4.13 -9.39
N SER E 58 -30.12 -5.28 -9.81
CA SER E 58 -30.97 -6.43 -10.09
C SER E 58 -31.63 -6.84 -8.78
N VAL E 59 -30.86 -6.75 -7.69
CA VAL E 59 -31.41 -7.10 -6.37
C VAL E 59 -32.45 -6.04 -5.98
N ALA E 60 -32.22 -4.79 -6.38
CA ALA E 60 -33.17 -3.71 -6.08
C ALA E 60 -34.50 -4.02 -6.76
N LEU E 61 -34.43 -4.54 -7.99
CA LEU E 61 -35.62 -4.93 -8.74
C LEU E 61 -36.34 -6.04 -8.00
N ALA E 62 -35.58 -7.07 -7.62
CA ALA E 62 -36.12 -8.22 -6.91
C ALA E 62 -36.85 -7.83 -5.63
N GLU E 63 -36.22 -6.97 -4.81
CA GLU E 63 -36.88 -6.58 -3.57
C GLU E 63 -38.13 -5.76 -3.86
N THR E 64 -38.10 -4.96 -4.91
CA THR E 64 -39.24 -4.14 -5.29
C THR E 64 -40.45 -5.01 -5.62
N ILE E 65 -40.29 -5.91 -6.59
CA ILE E 65 -41.39 -6.77 -7.00
C ILE E 65 -41.82 -7.77 -5.92
N GLY E 66 -40.86 -8.27 -5.14
CA GLY E 66 -41.20 -9.21 -4.09
C GLY E 66 -41.96 -8.56 -2.95
N SER E 67 -41.56 -7.34 -2.59
CA SER E 67 -42.23 -6.62 -1.51
C SER E 67 -43.65 -6.25 -1.95
N LEU E 68 -43.79 -5.75 -3.17
CA LEU E 68 -45.10 -5.38 -3.69
C LEU E 68 -46.01 -6.61 -3.65
N ALA E 69 -45.50 -7.73 -4.16
CA ALA E 69 -46.27 -8.97 -4.17
C ALA E 69 -46.75 -9.31 -2.75
N GLY E 70 -45.83 -9.29 -1.80
CA GLY E 70 -46.18 -9.60 -0.44
C GLY E 70 -47.28 -8.73 0.14
N SER E 71 -47.22 -7.43 -0.12
CA SER E 71 -48.23 -6.50 0.38
C SER E 71 -49.60 -6.79 -0.23
N LEU E 72 -49.62 -7.18 -1.50
CA LEU E 72 -50.88 -7.48 -2.16
C LEU E 72 -51.53 -8.78 -1.68
N CYS E 73 -50.81 -9.54 -0.86
CA CYS E 73 -51.34 -10.80 -0.35
C CYS E 73 -51.85 -10.65 1.07
N LEU E 74 -52.02 -9.40 1.50
CA LEU E 74 -52.51 -9.12 2.84
C LEU E 74 -53.78 -8.28 2.80
N GLU E 75 -54.62 -8.47 3.81
CA GLU E 75 -55.86 -7.72 3.90
C GLU E 75 -55.49 -6.30 4.31
N GLU E 76 -56.40 -5.35 4.11
CA GLU E 76 -56.13 -3.96 4.48
C GLU E 76 -55.77 -3.88 5.95
N GLY E 77 -54.97 -2.90 6.32
CA GLY E 77 -54.56 -2.74 7.71
C GLY E 77 -53.25 -3.45 7.97
N LYS E 78 -52.72 -4.10 6.93
CA LYS E 78 -51.46 -4.82 7.04
C LYS E 78 -50.60 -4.57 5.81
N THR E 79 -49.28 -4.68 6.00
CA THR E 79 -48.34 -4.49 4.91
C THR E 79 -47.08 -5.29 5.25
N VAL E 80 -46.01 -5.08 4.48
CA VAL E 80 -44.79 -5.82 4.72
C VAL E 80 -43.55 -4.95 4.84
N VAL E 81 -42.54 -5.50 5.49
CA VAL E 81 -41.25 -4.84 5.66
C VAL E 81 -40.19 -5.86 5.30
N GLY E 82 -39.24 -5.46 4.46
CA GLY E 82 -38.19 -6.38 4.07
C GLY E 82 -37.26 -6.63 5.24
N LEU E 83 -36.99 -7.90 5.52
CA LEU E 83 -36.11 -8.28 6.62
C LEU E 83 -34.71 -8.58 6.06
N ASP E 84 -34.66 -9.45 5.06
CA ASP E 84 -33.39 -9.80 4.43
C ASP E 84 -33.61 -10.28 3.00
N ILE E 85 -32.54 -10.31 2.23
CA ILE E 85 -32.63 -10.75 0.84
C ILE E 85 -31.27 -11.24 0.37
N ASN E 86 -31.30 -12.22 -0.54
CA ASN E 86 -30.07 -12.76 -1.09
C ASN E 86 -30.28 -13.00 -2.58
N ALA E 87 -29.20 -13.10 -3.32
CA ALA E 87 -29.30 -13.33 -4.75
C ALA E 87 -27.99 -13.86 -5.30
N ASN E 88 -28.11 -14.65 -6.36
CA ASN E 88 -26.95 -15.18 -7.05
C ASN E 88 -27.04 -14.62 -8.47
N HIS E 89 -25.94 -14.06 -8.94
CA HIS E 89 -25.89 -13.50 -10.29
C HIS E 89 -25.32 -14.60 -11.17
N LEU E 90 -26.17 -15.13 -12.04
CA LEU E 90 -25.81 -16.24 -12.91
C LEU E 90 -25.07 -15.90 -14.19
N ARG E 91 -25.45 -14.79 -14.82
CA ARG E 91 -24.79 -14.39 -16.06
C ARG E 91 -24.98 -12.90 -16.31
N PRO E 92 -24.00 -12.27 -16.99
CA PRO E 92 -24.09 -10.85 -17.29
C PRO E 92 -25.15 -10.54 -18.34
N VAL E 93 -25.69 -9.33 -18.30
CA VAL E 93 -26.69 -8.89 -19.26
C VAL E 93 -26.16 -7.58 -19.84
N ARG E 94 -25.98 -7.53 -21.15
CA ARG E 94 -25.44 -6.32 -21.77
C ARG E 94 -26.39 -5.41 -22.54
N SER E 95 -27.66 -5.78 -22.63
CA SER E 95 -28.62 -4.95 -23.35
C SER E 95 -30.04 -5.44 -23.21
N GLY E 96 -30.99 -4.61 -23.63
CA GLY E 96 -32.40 -4.97 -23.55
C GLY E 96 -33.01 -4.68 -22.21
N LYS E 97 -34.00 -5.48 -21.82
CA LYS E 97 -34.63 -5.31 -20.53
C LYS E 97 -34.82 -6.66 -19.87
N VAL E 98 -34.82 -6.66 -18.54
CA VAL E 98 -34.99 -7.89 -17.80
C VAL E 98 -36.37 -7.89 -17.17
N THR E 99 -36.87 -9.10 -16.90
CA THR E 99 -38.18 -9.28 -16.28
C THR E 99 -37.99 -10.09 -15.01
N ALA E 100 -38.46 -9.56 -13.88
CA ALA E 100 -38.34 -10.27 -12.62
C ALA E 100 -39.71 -10.78 -12.20
N ARG E 101 -39.82 -12.09 -11.98
CA ARG E 101 -41.08 -12.65 -11.56
C ARG E 101 -41.05 -13.13 -10.11
N ALA E 102 -41.98 -12.61 -9.31
CA ALA E 102 -42.07 -12.99 -7.92
C ALA E 102 -43.15 -14.05 -7.73
N THR E 103 -42.81 -15.11 -7.01
CA THR E 103 -43.74 -16.20 -6.71
C THR E 103 -43.54 -16.53 -5.23
N PRO E 104 -44.62 -16.86 -4.52
CA PRO E 104 -44.51 -17.19 -3.09
C PRO E 104 -43.89 -18.55 -2.77
N ILE E 105 -43.14 -18.60 -1.66
CA ILE E 105 -42.54 -19.83 -1.18
C ILE E 105 -43.38 -20.26 0.02
N ASN E 106 -43.65 -19.30 0.90
CA ASN E 106 -44.48 -19.54 2.08
C ASN E 106 -45.01 -18.22 2.60
N LEU E 107 -46.33 -18.14 2.81
CA LEU E 107 -46.94 -16.92 3.32
C LEU E 107 -47.51 -17.17 4.72
N GLY E 108 -46.72 -16.82 5.74
CA GLY E 108 -47.16 -17.02 7.10
C GLY E 108 -47.85 -15.80 7.67
N ARG E 109 -48.42 -15.96 8.87
CA ARG E 109 -49.11 -14.85 9.51
C ARG E 109 -48.16 -13.73 9.91
N ASN E 110 -46.92 -14.10 10.23
CA ASN E 110 -45.93 -13.11 10.65
C ASN E 110 -44.75 -12.97 9.67
N ILE E 111 -44.48 -14.02 8.91
CA ILE E 111 -43.35 -14.00 7.97
C ILE E 111 -43.74 -14.51 6.58
N GLN E 112 -43.27 -13.82 5.54
CA GLN E 112 -43.50 -14.24 4.17
C GLN E 112 -42.14 -14.47 3.52
N VAL E 113 -42.05 -15.50 2.69
CA VAL E 113 -40.81 -15.81 1.99
C VAL E 113 -41.13 -15.84 0.51
N TRP E 114 -40.41 -15.02 -0.26
CA TRP E 114 -40.64 -14.93 -1.69
C TRP E 114 -39.46 -15.31 -2.57
N GLN E 115 -39.78 -15.87 -3.72
CA GLN E 115 -38.80 -16.25 -4.71
C GLN E 115 -38.90 -15.26 -5.85
N ILE E 116 -37.77 -14.72 -6.29
CA ILE E 116 -37.80 -13.79 -7.41
C ILE E 116 -36.72 -14.21 -8.40
N ASP E 117 -37.16 -14.60 -9.59
CA ASP E 117 -36.21 -15.00 -10.63
C ASP E 117 -36.27 -13.93 -11.71
N ILE E 118 -35.11 -13.54 -12.20
CA ILE E 118 -35.00 -12.50 -13.22
C ILE E 118 -34.46 -13.09 -14.51
N ARG E 119 -35.13 -12.80 -15.62
CA ARG E 119 -34.73 -13.31 -16.92
C ARG E 119 -34.52 -12.19 -17.92
N THR E 120 -33.74 -12.47 -18.96
CA THR E 120 -33.47 -11.50 -20.00
C THR E 120 -34.56 -11.58 -21.06
N GLU E 121 -34.48 -10.70 -22.05
CA GLU E 121 -35.45 -10.66 -23.13
C GLU E 121 -35.46 -11.98 -23.90
N GLU E 122 -34.35 -12.71 -23.81
CA GLU E 122 -34.20 -14.00 -24.48
C GLU E 122 -34.66 -15.15 -23.59
N ASN E 123 -35.28 -14.81 -22.46
CA ASN E 123 -35.78 -15.80 -21.52
C ASN E 123 -34.68 -16.54 -20.76
N LYS E 124 -33.47 -15.99 -20.75
CA LYS E 124 -32.35 -16.61 -20.05
C LYS E 124 -32.33 -16.13 -18.60
N LEU E 125 -32.14 -17.07 -17.67
CA LEU E 125 -32.11 -16.74 -16.25
C LEU E 125 -30.80 -16.03 -15.91
N CYS E 126 -30.90 -14.82 -15.38
CA CYS E 126 -29.69 -14.08 -15.05
C CYS E 126 -29.51 -13.85 -13.55
N CYS E 127 -30.58 -14.00 -12.79
CA CYS E 127 -30.50 -13.80 -11.35
C CYS E 127 -31.61 -14.54 -10.61
N VAL E 128 -31.26 -15.10 -9.47
CA VAL E 128 -32.22 -15.80 -8.62
C VAL E 128 -32.06 -15.18 -7.25
N SER E 129 -33.19 -14.89 -6.61
CA SER E 129 -33.18 -14.24 -5.31
C SER E 129 -34.30 -14.72 -4.40
N ARG E 130 -34.10 -14.59 -3.10
CA ARG E 130 -35.11 -14.96 -2.12
C ARG E 130 -35.22 -13.81 -1.14
N LEU E 131 -36.45 -13.38 -0.89
CA LEU E 131 -36.74 -12.27 0.00
C LEU E 131 -37.56 -12.72 1.21
N THR E 132 -37.15 -12.27 2.40
CA THR E 132 -37.86 -12.60 3.63
C THR E 132 -38.54 -11.35 4.12
N LEU E 133 -39.86 -11.42 4.29
CA LEU E 133 -40.66 -10.27 4.73
C LEU E 133 -41.34 -10.47 6.07
N SER E 134 -41.45 -9.38 6.82
CA SER E 134 -42.12 -9.41 8.10
C SER E 134 -43.49 -8.80 7.89
N VAL E 135 -44.53 -9.40 8.46
CA VAL E 135 -45.87 -8.85 8.33
C VAL E 135 -46.11 -7.95 9.54
N ILE E 136 -46.53 -6.71 9.28
CA ILE E 136 -46.79 -5.78 10.36
C ILE E 136 -48.25 -5.34 10.34
N ASN E 137 -48.87 -5.32 11.51
CA ASN E 137 -50.28 -4.95 11.64
C ASN E 137 -50.43 -3.48 11.98
N MSE F 1 -0.53 -3.07 3.57
CA MSE F 1 -1.97 -2.74 3.40
C MSE F 1 -2.63 -3.68 2.39
O MSE F 1 -1.96 -4.50 1.76
CB MSE F 1 -2.13 -1.29 2.91
CG MSE F 1 -1.45 -1.02 1.59
SE MSE F 1 -1.89 0.74 0.92
CE MSE F 1 -0.28 1.69 1.37
N LEU F 2 -3.95 -3.54 2.25
CA LEU F 2 -4.73 -4.39 1.34
C LEU F 2 -4.57 -4.06 -0.14
N TRP F 3 -4.71 -2.78 -0.47
CA TRP F 3 -4.64 -2.32 -1.86
C TRP F 3 -3.39 -2.73 -2.63
N LYS F 4 -3.60 -3.17 -3.87
CA LYS F 4 -2.50 -3.61 -4.74
C LYS F 4 -2.48 -2.77 -6.02
N LYS F 5 -3.40 -1.83 -6.12
CA LYS F 5 -3.51 -0.91 -7.26
C LYS F 5 -3.53 0.49 -6.68
N THR F 6 -2.97 1.44 -7.42
CA THR F 6 -3.01 2.82 -6.97
C THR F 6 -4.35 3.34 -7.46
N PHE F 7 -4.94 4.28 -6.73
CA PHE F 7 -6.22 4.83 -7.13
C PHE F 7 -6.47 6.15 -6.45
N THR F 8 -7.40 6.93 -6.99
CA THR F 8 -7.76 8.21 -6.41
C THR F 8 -9.27 8.23 -6.42
N LEU F 9 -9.87 8.85 -5.40
CA LEU F 9 -11.32 8.91 -5.33
C LEU F 9 -11.89 9.63 -6.54
N GLU F 10 -11.15 10.62 -7.04
CA GLU F 10 -11.60 11.37 -8.21
C GLU F 10 -11.67 10.49 -9.45
N ASN F 11 -10.74 9.55 -9.57
CA ASN F 11 -10.73 8.64 -10.72
C ASN F 11 -11.78 7.54 -10.57
N LEU F 12 -12.05 7.12 -9.34
CA LEU F 12 -13.05 6.08 -9.11
C LEU F 12 -14.44 6.64 -9.31
N ASN F 13 -14.63 7.91 -8.96
CA ASN F 13 -15.93 8.53 -9.16
C ASN F 13 -16.10 8.85 -10.63
N GLN F 14 -15.00 9.13 -11.32
CA GLN F 14 -15.05 9.44 -12.73
C GLN F 14 -15.38 8.16 -13.48
N LEU F 15 -14.86 7.04 -12.97
CA LEU F 15 -15.09 5.72 -13.54
C LEU F 15 -16.57 5.35 -13.45
N CYS F 16 -17.18 5.70 -12.32
CA CYS F 16 -18.58 5.38 -12.05
C CYS F 16 -19.61 6.31 -12.69
N SER F 17 -19.15 7.36 -13.37
CA SER F 17 -20.09 8.28 -13.99
C SER F 17 -20.84 7.63 -15.15
N ASN F 18 -22.03 8.14 -15.43
CA ASN F 18 -22.86 7.62 -16.51
C ASN F 18 -23.22 6.15 -16.31
N SER F 19 -23.47 5.77 -15.07
CA SER F 19 -23.85 4.40 -14.75
C SER F 19 -24.88 4.45 -13.64
N ALA F 20 -25.29 3.27 -13.16
CA ALA F 20 -26.27 3.20 -12.09
C ALA F 20 -25.72 3.86 -10.82
N VAL F 21 -24.40 3.78 -10.65
CA VAL F 21 -23.74 4.36 -9.48
C VAL F 21 -23.99 5.86 -9.37
N SER F 22 -23.69 6.60 -10.43
CA SER F 22 -23.90 8.05 -10.42
C SER F 22 -25.40 8.35 -10.45
N HIS F 23 -26.15 7.52 -11.16
CA HIS F 23 -27.59 7.70 -11.26
C HIS F 23 -28.24 7.70 -9.87
N LEU F 24 -27.73 6.86 -8.98
CA LEU F 24 -28.27 6.76 -7.62
C LEU F 24 -27.61 7.74 -6.65
N GLY F 25 -26.78 8.63 -7.17
CA GLY F 25 -26.09 9.61 -6.35
C GLY F 25 -25.01 9.04 -5.47
N ILE F 26 -24.50 7.86 -5.82
CA ILE F 26 -23.46 7.24 -5.01
C ILE F 26 -22.09 7.84 -5.30
N GLU F 27 -21.32 8.05 -4.25
CA GLU F 27 -19.99 8.61 -4.41
C GLU F 27 -18.99 7.89 -3.53
N ILE F 28 -17.87 7.48 -4.13
CA ILE F 28 -16.82 6.81 -3.37
C ILE F 28 -16.29 7.98 -2.53
N SER F 29 -16.50 7.89 -1.23
CA SER F 29 -16.16 8.96 -0.31
C SER F 29 -14.88 8.96 0.49
N ALA F 30 -14.41 7.79 0.92
CA ALA F 30 -13.19 7.75 1.73
C ALA F 30 -12.60 6.35 1.80
N PHE F 31 -11.37 6.26 2.26
CA PHE F 31 -10.72 4.97 2.38
C PHE F 31 -9.61 4.99 3.41
N GLY F 32 -9.29 3.81 3.92
CA GLY F 32 -8.23 3.68 4.91
C GLY F 32 -7.27 2.64 4.41
N GLU F 33 -6.48 2.05 5.30
CA GLU F 33 -5.52 1.04 4.89
C GLU F 33 -6.20 -0.29 4.55
N ASP F 34 -7.34 -0.56 5.16
CA ASP F 34 -8.04 -1.82 4.91
C ASP F 34 -9.56 -1.69 4.85
N TRP F 35 -10.03 -0.57 4.32
CA TRP F 35 -11.46 -0.32 4.18
C TRP F 35 -11.68 0.82 3.20
N ILE F 36 -12.86 0.87 2.60
CA ILE F 36 -13.18 1.93 1.67
C ILE F 36 -14.69 2.16 1.78
N GLU F 37 -15.12 3.42 1.68
CA GLU F 37 -16.53 3.74 1.80
C GLU F 37 -17.13 4.47 0.61
N ALA F 38 -18.45 4.44 0.53
CA ALA F 38 -19.21 5.12 -0.50
C ALA F 38 -20.45 5.66 0.21
N THR F 39 -20.92 6.83 -0.19
CA THR F 39 -22.10 7.43 0.43
C THR F 39 -23.21 7.50 -0.59
N MSE F 40 -24.43 7.60 -0.10
CA MSE F 40 -25.59 7.68 -0.96
C MSE F 40 -26.67 8.47 -0.26
O MSE F 40 -26.97 8.23 0.91
CB MSE F 40 -26.08 6.28 -1.30
CG MSE F 40 -27.26 6.27 -2.26
SE MSE F 40 -27.73 4.47 -2.74
CE MSE F 40 -28.37 3.85 -1.01
N PRO F 41 -27.28 9.42 -0.97
CA PRO F 41 -28.35 10.24 -0.39
C PRO F 41 -29.63 9.46 -0.25
N VAL F 42 -30.46 9.89 0.69
CA VAL F 42 -31.76 9.28 0.91
C VAL F 42 -32.78 10.28 0.42
N ASP F 43 -33.12 10.19 -0.87
CA ASP F 43 -34.11 11.08 -1.47
C ASP F 43 -34.94 10.33 -2.51
N HIS F 44 -35.70 11.08 -3.31
CA HIS F 44 -36.57 10.50 -4.33
C HIS F 44 -35.90 9.47 -5.24
N ARG F 45 -34.59 9.60 -5.42
CA ARG F 45 -33.87 8.68 -6.29
C ARG F 45 -33.63 7.33 -5.62
N THR F 46 -33.60 7.33 -4.30
CA THR F 46 -33.30 6.11 -3.56
C THR F 46 -34.32 5.64 -2.54
N MSE F 47 -35.46 6.31 -2.45
CA MSE F 47 -36.47 5.89 -1.48
C MSE F 47 -37.62 5.10 -2.07
O MSE F 47 -37.87 5.14 -3.28
CB MSE F 47 -37.07 7.12 -0.77
CG MSE F 47 -36.09 8.00 -0.05
SE MSE F 47 -37.01 9.46 0.81
CE MSE F 47 -37.72 10.33 -0.75
N GLN F 48 -38.32 4.37 -1.21
CA GLN F 48 -39.48 3.60 -1.63
C GLN F 48 -40.61 4.63 -1.69
N PRO F 49 -41.74 4.28 -2.30
CA PRO F 49 -42.84 5.25 -2.38
C PRO F 49 -43.36 5.77 -1.03
N PHE F 50 -43.03 5.08 0.06
CA PHE F 50 -43.51 5.52 1.38
C PHE F 50 -42.56 6.29 2.28
N GLY F 51 -41.58 6.98 1.68
CA GLY F 51 -40.69 7.81 2.47
C GLY F 51 -39.43 7.28 3.12
N VAL F 52 -39.12 5.99 2.98
CA VAL F 52 -37.90 5.47 3.59
C VAL F 52 -36.96 4.92 2.54
N LEU F 53 -35.68 4.82 2.89
CA LEU F 53 -34.67 4.32 1.98
C LEU F 53 -35.09 2.96 1.45
N HIS F 54 -34.96 2.76 0.14
CA HIS F 54 -35.32 1.50 -0.49
C HIS F 54 -34.25 0.47 -0.11
N GLY F 55 -34.66 -0.60 0.57
CA GLY F 55 -33.72 -1.63 1.00
C GLY F 55 -32.96 -2.29 -0.14
N GLY F 56 -33.59 -2.38 -1.31
CA GLY F 56 -32.93 -2.99 -2.45
C GLY F 56 -31.82 -2.09 -2.96
N VAL F 57 -32.06 -0.78 -2.95
CA VAL F 57 -31.08 0.19 -3.41
C VAL F 57 -29.87 0.15 -2.46
N SER F 58 -30.13 -0.17 -1.19
CA SER F 58 -29.05 -0.26 -0.21
C SER F 58 -28.12 -1.39 -0.62
N VAL F 59 -28.71 -2.49 -1.10
CA VAL F 59 -27.90 -3.62 -1.54
C VAL F 59 -27.09 -3.22 -2.77
N ALA F 60 -27.67 -2.37 -3.60
CA ALA F 60 -26.99 -1.90 -4.81
C ALA F 60 -25.75 -1.13 -4.39
N LEU F 61 -25.87 -0.35 -3.33
CA LEU F 61 -24.75 0.44 -2.81
C LEU F 61 -23.69 -0.52 -2.27
N ALA F 62 -24.14 -1.51 -1.50
CA ALA F 62 -23.24 -2.50 -0.93
C ALA F 62 -22.46 -3.26 -1.99
N GLU F 63 -23.15 -3.68 -3.04
CA GLU F 63 -22.48 -4.41 -4.10
C GLU F 63 -21.51 -3.51 -4.85
N THR F 64 -21.84 -2.22 -4.93
CA THR F 64 -20.98 -1.26 -5.61
C THR F 64 -19.64 -1.11 -4.90
N ILE F 65 -19.70 -0.77 -3.62
CA ILE F 65 -18.49 -0.55 -2.85
C ILE F 65 -17.70 -1.83 -2.59
N GLY F 66 -18.41 -2.95 -2.44
CA GLY F 66 -17.74 -4.22 -2.21
C GLY F 66 -17.01 -4.73 -3.44
N SER F 67 -17.60 -4.55 -4.61
CA SER F 67 -16.98 -4.99 -5.86
C SER F 67 -15.77 -4.13 -6.18
N LEU F 68 -15.91 -2.83 -5.98
CA LEU F 68 -14.82 -1.89 -6.22
C LEU F 68 -13.64 -2.23 -5.30
N ALA F 69 -13.94 -2.40 -4.03
CA ALA F 69 -12.91 -2.72 -3.04
C ALA F 69 -12.14 -3.97 -3.45
N GLY F 70 -12.85 -5.01 -3.83
CA GLY F 70 -12.20 -6.25 -4.24
C GLY F 70 -11.27 -6.07 -5.43
N SER F 71 -11.71 -5.27 -6.39
CA SER F 71 -10.92 -5.00 -7.59
C SER F 71 -9.60 -4.33 -7.24
N LEU F 72 -9.64 -3.41 -6.27
CA LEU F 72 -8.44 -2.68 -5.85
C LEU F 72 -7.47 -3.55 -5.05
N CYS F 73 -7.92 -4.74 -4.65
CA CYS F 73 -7.08 -5.64 -3.88
C CYS F 73 -6.41 -6.70 -4.75
N LEU F 74 -6.43 -6.48 -6.06
CA LEU F 74 -5.82 -7.43 -6.99
C LEU F 74 -4.69 -6.80 -7.79
N GLU F 75 -3.70 -7.62 -8.13
CA GLU F 75 -2.57 -7.16 -8.92
C GLU F 75 -3.09 -6.96 -10.34
N GLU F 76 -2.30 -6.29 -11.18
CA GLU F 76 -2.71 -6.05 -12.56
C GLU F 76 -3.01 -7.34 -13.30
N GLY F 77 -3.94 -7.27 -14.24
CA GLY F 77 -4.30 -8.45 -15.02
C GLY F 77 -5.41 -9.27 -14.38
N LYS F 78 -5.82 -8.89 -13.18
CA LYS F 78 -6.87 -9.60 -12.47
C LYS F 78 -8.05 -8.70 -12.13
N THR F 79 -9.25 -9.27 -12.07
CA THR F 79 -10.44 -8.50 -11.74
C THR F 79 -11.45 -9.40 -11.02
N VAL F 80 -12.57 -8.82 -10.60
CA VAL F 80 -13.58 -9.59 -9.88
C VAL F 80 -14.96 -9.59 -10.54
N VAL F 81 -15.73 -10.64 -10.24
CA VAL F 81 -17.08 -10.79 -10.76
C VAL F 81 -17.99 -11.15 -9.59
N GLY F 82 -19.05 -10.38 -9.40
CA GLY F 82 -19.97 -10.66 -8.32
C GLY F 82 -20.68 -11.99 -8.52
N LEU F 83 -20.56 -12.88 -7.53
CA LEU F 83 -21.19 -14.19 -7.57
C LEU F 83 -22.54 -14.14 -6.88
N ASP F 84 -22.54 -13.61 -5.65
CA ASP F 84 -23.78 -13.52 -4.89
C ASP F 84 -23.66 -12.51 -3.77
N ILE F 85 -24.82 -12.09 -3.25
CA ILE F 85 -24.85 -11.14 -2.17
C ILE F 85 -26.09 -11.35 -1.32
N ASN F 86 -25.96 -11.06 -0.04
CA ASN F 86 -27.09 -11.20 0.87
C ASN F 86 -27.05 -9.98 1.79
N ALA F 87 -28.17 -9.68 2.42
CA ALA F 87 -28.21 -8.54 3.31
C ALA F 87 -29.41 -8.57 4.24
N ASN F 88 -29.24 -7.96 5.41
CA ASN F 88 -30.31 -7.85 6.38
C ASN F 88 -30.55 -6.37 6.60
N HIS F 89 -31.81 -5.98 6.53
CA HIS F 89 -32.21 -4.60 6.73
C HIS F 89 -32.60 -4.51 8.21
N LEU F 90 -31.85 -3.69 8.95
CA LEU F 90 -32.03 -3.56 10.39
C LEU F 90 -32.96 -2.46 10.88
N ARG F 91 -32.97 -1.32 10.18
CA ARG F 91 -33.81 -0.22 10.58
C ARG F 91 -34.07 0.73 9.41
N PRO F 92 -35.21 1.41 9.42
CA PRO F 92 -35.54 2.33 8.33
C PRO F 92 -34.73 3.63 8.41
N VAL F 93 -34.45 4.21 7.26
CA VAL F 93 -33.71 5.46 7.16
C VAL F 93 -34.59 6.34 6.30
N ARG F 94 -34.66 7.63 6.60
CA ARG F 94 -35.51 8.50 5.81
C ARG F 94 -34.97 9.89 5.53
N SER F 95 -33.73 10.15 5.92
CA SER F 95 -33.14 11.46 5.67
C SER F 95 -31.62 11.41 5.75
N GLY F 96 -30.98 12.42 5.16
CA GLY F 96 -29.54 12.48 5.17
C GLY F 96 -28.90 11.58 4.14
N LYS F 97 -27.70 11.11 4.45
CA LYS F 97 -26.97 10.21 3.55
C LYS F 97 -26.51 9.01 4.36
N VAL F 98 -26.37 7.88 3.69
CA VAL F 98 -25.89 6.67 4.35
C VAL F 98 -24.48 6.40 3.86
N THR F 99 -23.68 5.75 4.71
CA THR F 99 -22.30 5.42 4.37
C THR F 99 -22.10 3.91 4.43
N ALA F 100 -21.64 3.34 3.33
CA ALA F 100 -21.37 1.91 3.30
C ALA F 100 -19.86 1.69 3.36
N ARG F 101 -19.41 0.96 4.37
CA ARG F 101 -17.99 0.65 4.49
C ARG F 101 -17.74 -0.80 4.16
N ALA F 102 -16.85 -1.02 3.20
CA ALA F 102 -16.50 -2.37 2.80
C ALA F 102 -15.19 -2.79 3.46
N THR F 103 -15.18 -3.97 4.07
CA THR F 103 -13.98 -4.51 4.72
C THR F 103 -13.89 -5.99 4.34
N PRO F 104 -12.67 -6.51 4.15
CA PRO F 104 -12.46 -7.90 3.77
C PRO F 104 -12.67 -8.95 4.86
N ILE F 105 -13.27 -10.07 4.47
CA ILE F 105 -13.48 -11.16 5.39
C ILE F 105 -12.39 -12.17 5.05
N ASN F 106 -12.22 -12.39 3.75
CA ASN F 106 -11.20 -13.31 3.27
C ASN F 106 -10.90 -13.02 1.81
N LEU F 107 -9.61 -12.90 1.50
CA LEU F 107 -9.18 -12.64 0.13
C LEU F 107 -8.34 -13.81 -0.35
N GLY F 108 -8.95 -14.67 -1.16
CA GLY F 108 -8.24 -15.84 -1.65
C GLY F 108 -7.77 -15.72 -3.08
N ARG F 109 -7.18 -16.80 -3.59
CA ARG F 109 -6.67 -16.87 -4.95
C ARG F 109 -7.80 -16.80 -5.97
N ASN F 110 -8.88 -17.53 -5.70
CA ASN F 110 -10.02 -17.58 -6.62
C ASN F 110 -11.29 -16.92 -6.10
N ILE F 111 -11.40 -16.77 -4.78
CA ILE F 111 -12.60 -16.19 -4.19
C ILE F 111 -12.33 -15.15 -3.11
N GLN F 112 -13.10 -14.07 -3.11
CA GLN F 112 -12.98 -13.04 -2.10
C GLN F 112 -14.33 -12.90 -1.43
N VAL F 113 -14.33 -12.67 -0.12
CA VAL F 113 -15.59 -12.48 0.61
C VAL F 113 -15.52 -11.14 1.32
N TRP F 114 -16.48 -10.28 1.05
CA TRP F 114 -16.49 -8.95 1.65
C TRP F 114 -17.67 -8.66 2.58
N GLN F 115 -17.40 -7.85 3.60
CA GLN F 115 -18.41 -7.42 4.54
C GLN F 115 -18.73 -5.97 4.21
N ILE F 116 -20.01 -5.64 4.10
CA ILE F 116 -20.38 -4.26 3.83
C ILE F 116 -21.44 -3.83 4.83
N ASP F 117 -21.06 -2.91 5.72
CA ASP F 117 -21.97 -2.40 6.72
C ASP F 117 -22.37 -0.97 6.37
N ILE F 118 -23.66 -0.70 6.39
CA ILE F 118 -24.16 0.62 6.05
C ILE F 118 -24.74 1.30 7.28
N ARG F 119 -24.29 2.53 7.52
CA ARG F 119 -24.73 3.29 8.68
C ARG F 119 -25.36 4.63 8.30
N THR F 120 -26.22 5.15 9.17
CA THR F 120 -26.89 6.43 8.95
C THR F 120 -25.96 7.57 9.34
N GLU F 121 -26.42 8.80 9.11
CA GLU F 121 -25.63 9.97 9.46
C GLU F 121 -25.46 10.05 10.97
N GLU F 122 -26.25 9.26 11.69
CA GLU F 122 -26.20 9.20 13.15
C GLU F 122 -25.43 7.96 13.58
N ASN F 123 -24.69 7.39 12.63
CA ASN F 123 -23.87 6.20 12.87
C ASN F 123 -24.65 4.96 13.31
N LYS F 124 -25.94 4.91 13.00
CA LYS F 124 -26.74 3.74 13.35
C LYS F 124 -26.65 2.74 12.20
N LEU F 125 -26.40 1.48 12.53
CA LEU F 125 -26.30 0.44 11.51
C LEU F 125 -27.68 0.15 10.95
N CYS F 126 -27.87 0.40 9.65
CA CYS F 126 -29.18 0.16 9.03
C CYS F 126 -29.21 -1.07 8.12
N CYS F 127 -28.03 -1.53 7.69
CA CYS F 127 -27.95 -2.68 6.81
C CYS F 127 -26.60 -3.37 6.92
N VAL F 128 -26.63 -4.70 6.90
CA VAL F 128 -25.42 -5.50 6.94
C VAL F 128 -25.49 -6.43 5.74
N SER F 129 -24.41 -6.47 4.98
CA SER F 129 -24.36 -7.27 3.78
C SER F 129 -23.06 -8.04 3.62
N ARG F 130 -23.10 -9.13 2.87
CA ARG F 130 -21.91 -9.92 2.60
C ARG F 130 -21.93 -10.22 1.12
N LEU F 131 -20.82 -9.95 0.46
CA LEU F 131 -20.65 -10.15 -0.97
C LEU F 131 -19.59 -11.20 -1.28
N THR F 132 -19.89 -12.06 -2.23
CA THR F 132 -18.98 -13.11 -2.66
C THR F 132 -18.52 -12.79 -4.08
N LEU F 133 -17.22 -12.67 -4.26
CA LEU F 133 -16.65 -12.35 -5.56
C LEU F 133 -15.73 -13.45 -6.08
N SER F 134 -15.74 -13.61 -7.40
CA SER F 134 -14.89 -14.58 -8.05
C SER F 134 -13.73 -13.80 -8.66
N VAL F 135 -12.50 -14.26 -8.42
CA VAL F 135 -11.32 -13.58 -8.95
C VAL F 135 -11.02 -14.14 -10.33
N ILE F 136 -11.02 -13.26 -11.33
CA ILE F 136 -10.72 -13.66 -12.70
C ILE F 136 -9.31 -13.26 -13.09
N ASN F 137 -8.46 -14.24 -13.36
CA ASN F 137 -7.09 -13.98 -13.74
C ASN F 137 -6.90 -14.15 -15.24
N LEU F 138 -6.88 -13.04 -15.97
CA LEU F 138 -6.69 -13.09 -17.42
C LEU F 138 -5.21 -12.99 -17.77
N MSE G 1 -28.64 -32.14 -13.17
CA MSE G 1 -29.11 -32.19 -14.58
C MSE G 1 -28.01 -32.78 -15.47
O MSE G 1 -26.91 -32.23 -15.55
CB MSE G 1 -29.47 -30.79 -15.07
CG MSE G 1 -30.10 -30.72 -16.46
SE MSE G 1 -30.82 -28.96 -16.87
CE MSE G 1 -32.69 -29.34 -16.56
N LEU G 2 -28.32 -33.90 -16.12
CA LEU G 2 -27.36 -34.57 -16.99
C LEU G 2 -26.06 -34.87 -16.25
N TRP G 3 -26.01 -36.04 -15.61
CA TRP G 3 -24.83 -36.45 -14.87
C TRP G 3 -23.70 -36.80 -15.83
N LYS G 4 -22.49 -36.36 -15.52
CA LYS G 4 -21.33 -36.65 -16.34
C LYS G 4 -20.67 -37.91 -15.81
N LYS G 5 -21.30 -38.50 -14.80
CA LYS G 5 -20.81 -39.73 -14.19
C LYS G 5 -21.92 -40.75 -14.06
N THR G 6 -21.57 -42.02 -14.21
CA THR G 6 -22.55 -43.09 -14.08
C THR G 6 -22.39 -43.63 -12.66
N PHE G 7 -23.52 -43.92 -12.01
CA PHE G 7 -23.45 -44.40 -10.62
C PHE G 7 -24.70 -45.17 -10.20
N THR G 8 -24.71 -45.57 -8.93
CA THR G 8 -25.83 -46.29 -8.35
C THR G 8 -26.04 -45.70 -6.95
N LEU G 9 -27.26 -45.78 -6.44
CA LEU G 9 -27.53 -45.25 -5.11
C LEU G 9 -26.67 -45.96 -4.08
N GLU G 10 -26.41 -47.25 -4.30
CA GLU G 10 -25.59 -48.04 -3.38
C GLU G 10 -24.16 -47.50 -3.29
N ASN G 11 -23.61 -47.11 -4.43
CA ASN G 11 -22.25 -46.57 -4.49
C ASN G 11 -22.16 -45.25 -3.73
N LEU G 12 -23.14 -44.38 -3.96
CA LEU G 12 -23.16 -43.07 -3.31
C LEU G 12 -23.25 -43.20 -1.79
N ASN G 13 -24.08 -44.12 -1.32
CA ASN G 13 -24.22 -44.31 0.11
C ASN G 13 -22.92 -44.90 0.68
N GLN G 14 -22.26 -45.74 -0.12
CA GLN G 14 -21.01 -46.34 0.32
C GLN G 14 -19.94 -45.25 0.41
N LEU G 15 -19.99 -44.29 -0.51
CA LEU G 15 -19.03 -43.20 -0.55
C LEU G 15 -19.23 -42.22 0.60
N CYS G 16 -20.43 -42.19 1.15
CA CYS G 16 -20.74 -41.29 2.26
C CYS G 16 -20.65 -42.00 3.61
N SER G 17 -20.28 -43.28 3.59
CA SER G 17 -20.17 -44.05 4.82
C SER G 17 -19.07 -43.54 5.72
N ASN G 18 -19.29 -43.67 7.03
CA ASN G 18 -18.35 -43.24 8.05
C ASN G 18 -17.93 -41.79 7.93
N SER G 19 -18.93 -40.90 7.89
CA SER G 19 -18.70 -39.47 7.78
C SER G 19 -19.87 -38.79 8.47
N ALA G 20 -19.93 -37.46 8.40
CA ALA G 20 -21.02 -36.73 9.02
C ALA G 20 -22.33 -37.12 8.34
N VAL G 21 -22.25 -37.50 7.07
CA VAL G 21 -23.44 -37.87 6.32
C VAL G 21 -24.10 -39.12 6.91
N SER G 22 -23.31 -40.15 7.18
CA SER G 22 -23.84 -41.37 7.74
C SER G 22 -24.18 -41.17 9.21
N HIS G 23 -23.40 -40.32 9.87
CA HIS G 23 -23.62 -40.04 11.29
C HIS G 23 -24.99 -39.38 11.52
N LEU G 24 -25.43 -38.59 10.54
CA LEU G 24 -26.73 -37.91 10.65
C LEU G 24 -27.88 -38.76 10.09
N GLY G 25 -27.56 -40.00 9.71
CA GLY G 25 -28.57 -40.89 9.18
C GLY G 25 -29.04 -40.53 7.78
N ILE G 26 -28.27 -39.69 7.10
CA ILE G 26 -28.62 -39.26 5.75
C ILE G 26 -28.38 -40.39 4.77
N GLU G 27 -29.34 -40.58 3.87
CA GLU G 27 -29.25 -41.64 2.87
C GLU G 27 -29.62 -41.11 1.49
N ILE G 28 -28.77 -41.36 0.49
CA ILE G 28 -29.06 -40.92 -0.86
C ILE G 28 -30.18 -41.88 -1.27
N SER G 29 -31.41 -41.35 -1.31
CA SER G 29 -32.59 -42.15 -1.61
C SER G 29 -33.04 -42.39 -3.05
N ALA G 30 -32.97 -41.36 -3.90
CA ALA G 30 -33.40 -41.54 -5.28
C ALA G 30 -32.83 -40.47 -6.20
N PHE G 31 -32.97 -40.67 -7.50
CA PHE G 31 -32.49 -39.71 -8.48
C PHE G 31 -33.23 -39.83 -9.80
N GLY G 32 -33.24 -38.74 -10.56
CA GLY G 32 -33.90 -38.72 -11.85
C GLY G 32 -32.90 -38.29 -12.90
N GLU G 33 -33.38 -37.75 -14.01
CA GLU G 33 -32.50 -37.32 -15.08
C GLU G 33 -31.85 -35.97 -14.78
N ASP G 34 -32.52 -35.16 -13.96
CA ASP G 34 -32.00 -33.85 -13.60
C ASP G 34 -32.20 -33.50 -12.12
N TRP G 35 -32.24 -34.52 -11.28
CA TRP G 35 -32.40 -34.30 -9.84
C TRP G 35 -31.98 -35.52 -9.04
N ILE G 36 -31.71 -35.31 -7.76
CA ILE G 36 -31.32 -36.39 -6.87
C ILE G 36 -31.80 -36.05 -5.47
N GLU G 37 -32.23 -37.04 -4.72
CA GLU G 37 -32.73 -36.81 -3.37
C GLU G 37 -32.00 -37.59 -2.30
N ALA G 38 -32.11 -37.11 -1.06
CA ALA G 38 -31.50 -37.73 0.10
C ALA G 38 -32.50 -37.58 1.23
N THR G 39 -32.60 -38.61 2.08
CA THR G 39 -33.53 -38.55 3.20
C THR G 39 -32.75 -38.46 4.50
N MSE G 40 -33.42 -38.01 5.55
CA MSE G 40 -32.81 -37.88 6.86
C MSE G 40 -33.89 -37.97 7.92
O MSE G 40 -34.93 -37.32 7.81
CB MSE G 40 -32.07 -36.54 6.98
CG MSE G 40 -31.39 -36.32 8.32
SE MSE G 40 -30.36 -34.68 8.36
CE MSE G 40 -31.81 -33.47 8.78
N PRO G 41 -33.66 -38.78 8.96
CA PRO G 41 -34.63 -38.94 10.03
C PRO G 41 -34.71 -37.74 10.95
N VAL G 42 -35.85 -37.60 11.62
CA VAL G 42 -36.07 -36.50 12.54
C VAL G 42 -36.18 -37.07 13.96
N ASP G 43 -35.03 -37.37 14.55
CA ASP G 43 -34.97 -37.91 15.91
C ASP G 43 -33.98 -37.08 16.72
N HIS G 44 -33.64 -37.52 17.93
CA HIS G 44 -32.73 -36.74 18.76
C HIS G 44 -31.34 -36.52 18.15
N ARG G 45 -31.03 -37.25 17.09
CA ARG G 45 -29.75 -37.10 16.41
C ARG G 45 -29.78 -35.83 15.55
N THR G 46 -30.98 -35.47 15.11
CA THR G 46 -31.14 -34.31 14.24
C THR G 46 -32.11 -33.26 14.80
N MSE G 47 -32.54 -33.45 16.04
CA MSE G 47 -33.46 -32.51 16.65
C MSE G 47 -32.78 -31.47 17.53
O MSE G 47 -31.67 -31.65 18.01
CB MSE G 47 -34.50 -33.24 17.51
CG MSE G 47 -35.54 -34.01 16.73
SE MSE G 47 -36.77 -34.86 17.96
CE MSE G 47 -38.13 -35.40 16.70
N GLN G 48 -33.50 -30.37 17.72
CA GLN G 48 -33.06 -29.27 18.55
C GLN G 48 -33.45 -29.70 19.95
N PRO G 49 -32.83 -29.12 20.99
CA PRO G 49 -33.22 -29.53 22.34
C PRO G 49 -34.70 -29.28 22.67
N PHE G 50 -35.45 -28.75 21.71
CA PHE G 50 -36.87 -28.47 21.92
C PHE G 50 -37.81 -29.49 21.27
N GLY G 51 -37.25 -30.53 20.67
CA GLY G 51 -38.07 -31.55 20.05
C GLY G 51 -38.40 -31.42 18.57
N VAL G 52 -37.84 -30.41 17.91
CA VAL G 52 -38.11 -30.21 16.47
C VAL G 52 -36.84 -30.32 15.63
N LEU G 53 -37.01 -30.60 14.34
CA LEU G 53 -35.87 -30.72 13.43
C LEU G 53 -34.94 -29.52 13.58
N HIS G 54 -33.66 -29.79 13.80
CA HIS G 54 -32.66 -28.74 13.96
C HIS G 54 -32.45 -28.01 12.64
N GLY G 55 -32.72 -26.71 12.63
CA GLY G 55 -32.55 -25.92 11.41
C GLY G 55 -31.16 -26.03 10.82
N GLY G 56 -30.13 -26.00 11.68
CA GLY G 56 -28.77 -26.10 11.19
C GLY G 56 -28.52 -27.44 10.52
N VAL G 57 -29.10 -28.50 11.07
CA VAL G 57 -28.93 -29.83 10.52
C VAL G 57 -29.62 -29.95 9.17
N SER G 58 -30.69 -29.19 8.97
CA SER G 58 -31.40 -29.21 7.69
C SER G 58 -30.45 -28.70 6.62
N VAL G 59 -29.72 -27.64 6.95
CA VAL G 59 -28.75 -27.07 6.03
C VAL G 59 -27.67 -28.11 5.72
N ALA G 60 -27.27 -28.86 6.74
CA ALA G 60 -26.24 -29.88 6.56
C ALA G 60 -26.72 -30.87 5.50
N LEU G 61 -28.00 -31.23 5.56
CA LEU G 61 -28.58 -32.15 4.59
C LEU G 61 -28.56 -31.50 3.20
N ALA G 62 -28.96 -30.23 3.15
CA ALA G 62 -28.99 -29.48 1.89
C ALA G 62 -27.62 -29.42 1.22
N GLU G 63 -26.59 -29.05 1.98
CA GLU G 63 -25.26 -28.95 1.39
C GLU G 63 -24.74 -30.33 0.99
N THR G 64 -25.15 -31.36 1.73
CA THR G 64 -24.71 -32.72 1.41
C THR G 64 -25.22 -33.14 0.04
N ILE G 65 -26.55 -33.10 -0.14
CA ILE G 65 -27.13 -33.51 -1.40
C ILE G 65 -26.82 -32.57 -2.56
N GLY G 66 -26.68 -31.28 -2.28
CA GLY G 66 -26.37 -30.33 -3.34
C GLY G 66 -24.94 -30.51 -3.86
N SER G 67 -24.00 -30.69 -2.95
CA SER G 67 -22.60 -30.88 -3.31
C SER G 67 -22.41 -32.19 -4.06
N LEU G 68 -23.04 -33.26 -3.55
CA LEU G 68 -22.94 -34.56 -4.21
C LEU G 68 -23.46 -34.42 -5.63
N ALA G 69 -24.62 -33.77 -5.77
CA ALA G 69 -25.22 -33.56 -7.08
C ALA G 69 -24.27 -32.84 -8.00
N GLY G 70 -23.62 -31.80 -7.48
CA GLY G 70 -22.69 -31.03 -8.28
C GLY G 70 -21.53 -31.87 -8.80
N SER G 71 -20.92 -32.65 -7.91
CA SER G 71 -19.79 -33.50 -8.30
C SER G 71 -20.18 -34.51 -9.37
N LEU G 72 -21.42 -34.97 -9.33
CA LEU G 72 -21.90 -35.95 -10.30
C LEU G 72 -22.13 -35.33 -11.67
N CYS G 73 -22.20 -34.01 -11.72
CA CYS G 73 -22.43 -33.30 -12.97
C CYS G 73 -21.11 -32.90 -13.63
N LEU G 74 -20.01 -33.32 -13.01
CA LEU G 74 -18.69 -33.02 -13.52
C LEU G 74 -18.05 -34.31 -14.00
N GLU G 75 -17.29 -34.22 -15.09
CA GLU G 75 -16.65 -35.40 -15.63
C GLU G 75 -15.45 -35.74 -14.74
N GLU G 76 -14.97 -36.97 -14.85
CA GLU G 76 -13.84 -37.43 -14.05
C GLU G 76 -12.71 -36.41 -13.97
N GLY G 77 -12.07 -36.32 -12.81
CA GLY G 77 -10.98 -35.39 -12.64
C GLY G 77 -11.39 -34.09 -11.96
N LYS G 78 -12.69 -33.78 -12.02
CA LYS G 78 -13.22 -32.56 -11.43
C LYS G 78 -14.20 -32.84 -10.29
N THR G 79 -14.15 -32.00 -9.26
CA THR G 79 -15.04 -32.12 -8.11
C THR G 79 -15.49 -30.72 -7.70
N VAL G 80 -16.23 -30.63 -6.60
CA VAL G 80 -16.72 -29.33 -6.15
C VAL G 80 -16.33 -28.96 -4.72
N VAL G 81 -16.35 -27.66 -4.45
CA VAL G 81 -16.03 -27.13 -3.12
C VAL G 81 -17.15 -26.17 -2.74
N GLY G 82 -17.69 -26.34 -1.54
CA GLY G 82 -18.74 -25.47 -1.08
C GLY G 82 -18.25 -24.07 -0.83
N LEU G 83 -18.85 -23.09 -1.49
CA LEU G 83 -18.47 -21.69 -1.34
C LEU G 83 -19.37 -21.01 -0.31
N ASP G 84 -20.67 -21.15 -0.49
CA ASP G 84 -21.61 -20.55 0.44
C ASP G 84 -22.98 -21.20 0.30
N ILE G 85 -23.82 -20.98 1.30
CA ILE G 85 -25.15 -21.56 1.29
C ILE G 85 -26.05 -20.74 2.18
N ASN G 86 -27.33 -20.69 1.84
CA ASN G 86 -28.31 -19.96 2.61
C ASN G 86 -29.55 -20.81 2.63
N ALA G 87 -30.45 -20.53 3.56
CA ALA G 87 -31.68 -21.30 3.65
C ALA G 87 -32.69 -20.61 4.52
N ASN G 88 -33.97 -20.84 4.21
CA ASN G 88 -35.06 -20.31 4.98
C ASN G 88 -35.78 -21.48 5.60
N HIS G 89 -36.02 -21.40 6.90
CA HIS G 89 -36.74 -22.44 7.63
C HIS G 89 -38.19 -22.02 7.60
N LEU G 90 -39.02 -22.81 6.93
CA LEU G 90 -40.45 -22.49 6.75
C LEU G 90 -41.42 -23.00 7.80
N ARG G 91 -41.13 -24.16 8.39
CA ARG G 91 -42.04 -24.69 9.40
C ARG G 91 -41.39 -25.79 10.22
N PRO G 92 -41.87 -26.00 11.46
CA PRO G 92 -41.30 -27.02 12.32
C PRO G 92 -41.61 -28.43 11.83
N VAL G 93 -40.68 -29.35 12.03
CA VAL G 93 -40.84 -30.74 11.63
C VAL G 93 -40.68 -31.54 12.92
N ARG G 94 -41.78 -32.14 13.38
CA ARG G 94 -41.80 -32.89 14.63
C ARG G 94 -41.40 -34.37 14.57
N SER G 95 -41.66 -35.04 13.45
CA SER G 95 -41.31 -36.46 13.36
C SER G 95 -41.12 -36.95 11.93
N GLY G 96 -40.99 -38.26 11.79
CA GLY G 96 -40.81 -38.85 10.47
C GLY G 96 -39.45 -38.45 9.91
N LYS G 97 -39.33 -38.51 8.58
CA LYS G 97 -38.08 -38.12 7.94
C LYS G 97 -38.33 -37.10 6.85
N VAL G 98 -37.29 -36.33 6.54
CA VAL G 98 -37.39 -35.30 5.52
C VAL G 98 -36.66 -35.70 4.25
N THR G 99 -37.12 -35.18 3.12
CA THR G 99 -36.51 -35.48 1.84
C THR G 99 -36.03 -34.19 1.17
N ALA G 100 -34.76 -34.15 0.82
CA ALA G 100 -34.19 -32.98 0.18
C ALA G 100 -33.90 -33.28 -1.28
N ARG G 101 -34.50 -32.49 -2.18
CA ARG G 101 -34.27 -32.68 -3.61
C ARG G 101 -33.41 -31.56 -4.16
N ALA G 102 -32.28 -31.92 -4.76
CA ALA G 102 -31.39 -30.94 -5.35
C ALA G 102 -31.60 -30.87 -6.85
N THR G 103 -31.74 -29.64 -7.35
CA THR G 103 -31.93 -29.41 -8.78
C THR G 103 -31.03 -28.24 -9.15
N PRO G 104 -30.43 -28.28 -10.35
CA PRO G 104 -29.53 -27.20 -10.75
C PRO G 104 -30.21 -25.90 -11.15
N ILE G 105 -29.53 -24.79 -10.88
CA ILE G 105 -30.03 -23.47 -11.25
C ILE G 105 -29.14 -23.03 -12.40
N ASN G 106 -27.84 -23.27 -12.26
CA ASN G 106 -26.88 -22.92 -13.30
C ASN G 106 -25.57 -23.68 -13.08
N LEU G 107 -25.11 -24.36 -14.13
CA LEU G 107 -23.87 -25.11 -14.06
C LEU G 107 -22.84 -24.54 -15.02
N GLY G 108 -21.86 -23.84 -14.48
CA GLY G 108 -20.83 -23.26 -15.32
C GLY G 108 -19.53 -24.02 -15.18
N ARG G 109 -18.51 -23.59 -15.92
CA ARG G 109 -17.20 -24.25 -15.87
C ARG G 109 -16.44 -23.94 -14.59
N ASN G 110 -16.79 -22.84 -13.93
CA ASN G 110 -16.11 -22.45 -12.70
C ASN G 110 -17.00 -22.39 -11.47
N ILE G 111 -18.27 -22.09 -11.68
CA ILE G 111 -19.21 -21.97 -10.58
C ILE G 111 -20.52 -22.71 -10.86
N GLN G 112 -21.07 -23.35 -9.84
CA GLN G 112 -22.34 -24.05 -9.97
C GLN G 112 -23.28 -23.52 -8.90
N VAL G 113 -24.56 -23.39 -9.24
CA VAL G 113 -25.55 -22.90 -8.29
C VAL G 113 -26.67 -23.93 -8.22
N TRP G 114 -26.94 -24.42 -7.02
CA TRP G 114 -27.97 -25.43 -6.82
C TRP G 114 -29.11 -25.02 -5.91
N GLN G 115 -30.29 -25.56 -6.22
CA GLN G 115 -31.49 -25.33 -5.44
C GLN G 115 -31.78 -26.61 -4.66
N ILE G 116 -31.96 -26.49 -3.35
CA ILE G 116 -32.28 -27.66 -2.55
C ILE G 116 -33.52 -27.37 -1.75
N ASP G 117 -34.58 -28.11 -2.03
CA ASP G 117 -35.85 -27.95 -1.32
C ASP G 117 -36.11 -29.19 -0.47
N ILE G 118 -36.43 -28.96 0.80
CA ILE G 118 -36.68 -30.04 1.74
C ILE G 118 -38.16 -30.11 2.11
N ARG G 119 -38.74 -31.30 1.98
CA ARG G 119 -40.15 -31.50 2.29
C ARG G 119 -40.35 -32.58 3.35
N THR G 120 -41.52 -32.56 4.00
CA THR G 120 -41.83 -33.55 5.02
C THR G 120 -42.52 -34.74 4.38
N GLU G 121 -42.92 -35.70 5.21
CA GLU G 121 -43.60 -36.89 4.74
C GLU G 121 -44.93 -36.53 4.09
N GLU G 122 -45.50 -35.41 4.54
CA GLU G 122 -46.78 -34.92 4.01
C GLU G 122 -46.53 -34.05 2.78
N ASN G 123 -45.31 -34.14 2.23
CA ASN G 123 -44.92 -33.36 1.06
C ASN G 123 -45.02 -31.86 1.31
N LYS G 124 -44.87 -31.45 2.57
CA LYS G 124 -44.92 -30.05 2.91
C LYS G 124 -43.51 -29.49 2.93
N LEU G 125 -43.31 -28.37 2.24
CA LEU G 125 -42.01 -27.71 2.16
C LEU G 125 -41.63 -27.13 3.53
N CYS G 126 -40.53 -27.60 4.10
CA CYS G 126 -40.10 -27.11 5.40
C CYS G 126 -38.83 -26.27 5.35
N CYS G 127 -38.09 -26.37 4.25
CA CYS G 127 -36.84 -25.62 4.11
C CYS G 127 -36.46 -25.45 2.66
N VAL G 128 -36.03 -24.24 2.30
CA VAL G 128 -35.59 -23.96 0.95
C VAL G 128 -34.17 -23.43 1.08
N SER G 129 -33.28 -23.90 0.21
CA SER G 129 -31.89 -23.50 0.27
C SER G 129 -31.24 -23.39 -1.11
N ARG G 130 -30.22 -22.56 -1.20
CA ARG G 130 -29.47 -22.40 -2.44
C ARG G 130 -27.99 -22.54 -2.08
N LEU G 131 -27.29 -23.35 -2.86
CA LEU G 131 -25.88 -23.63 -2.63
C LEU G 131 -25.00 -23.16 -3.78
N THR G 132 -23.90 -22.50 -3.45
CA THR G 132 -22.97 -22.02 -4.47
C THR G 132 -21.70 -22.86 -4.36
N LEU G 133 -21.31 -23.48 -5.47
CA LEU G 133 -20.12 -24.34 -5.49
C LEU G 133 -19.05 -23.85 -6.46
N SER G 134 -17.81 -24.18 -6.15
CA SER G 134 -16.68 -23.82 -6.99
C SER G 134 -16.24 -25.10 -7.69
N VAL G 135 -15.96 -25.01 -8.99
CA VAL G 135 -15.51 -26.17 -9.75
C VAL G 135 -13.99 -26.23 -9.75
N ILE G 136 -13.44 -27.36 -9.34
CA ILE G 136 -11.99 -27.54 -9.32
C ILE G 136 -11.61 -28.82 -10.06
N ASN G 137 -10.55 -28.76 -10.85
CA ASN G 137 -10.12 -29.92 -11.62
C ASN G 137 -8.98 -30.72 -10.99
N LEU G 138 -9.29 -31.42 -9.92
CA LEU G 138 -8.31 -32.25 -9.21
C LEU G 138 -8.99 -32.97 -8.06
N MSE H 1 -24.81 -6.21 31.39
CA MSE H 1 -24.46 -7.39 30.55
C MSE H 1 -25.59 -7.65 29.55
O MSE H 1 -26.76 -7.48 29.85
CB MSE H 1 -24.22 -8.61 31.45
CG MSE H 1 -23.58 -9.80 30.74
SE MSE H 1 -22.79 -11.05 31.99
CE MSE H 1 -20.92 -10.61 31.70
N LEU H 2 -25.21 -8.08 28.34
CA LEU H 2 -26.17 -8.36 27.27
C LEU H 2 -27.25 -9.37 27.64
N TRP H 3 -26.85 -10.43 28.34
CA TRP H 3 -27.75 -11.51 28.74
C TRP H 3 -28.88 -11.08 29.67
N LYS H 4 -30.09 -11.56 29.39
CA LYS H 4 -31.26 -11.24 30.20
C LYS H 4 -31.56 -12.40 31.16
N LYS H 5 -31.26 -13.62 30.70
CA LYS H 5 -31.49 -14.82 31.49
C LYS H 5 -30.25 -15.20 32.28
N THR H 6 -30.45 -16.01 33.31
CA THR H 6 -29.34 -16.47 34.15
C THR H 6 -28.94 -17.84 33.61
N PHE H 7 -27.64 -18.12 33.58
CA PHE H 7 -27.19 -19.41 33.07
C PHE H 7 -25.76 -19.71 33.44
N THR H 8 -25.36 -20.95 33.17
CA THR H 8 -24.00 -21.40 33.45
C THR H 8 -23.62 -22.33 32.30
N LEU H 9 -22.35 -22.31 31.90
CA LEU H 9 -21.88 -23.16 30.81
C LEU H 9 -22.25 -24.61 31.08
N GLU H 10 -22.14 -25.02 32.33
CA GLU H 10 -22.45 -26.39 32.73
C GLU H 10 -23.91 -26.73 32.42
N ASN H 11 -24.83 -25.85 32.82
CA ASN H 11 -26.25 -26.07 32.59
C ASN H 11 -26.64 -25.99 31.10
N LEU H 12 -26.00 -25.10 30.36
CA LEU H 12 -26.31 -24.96 28.95
C LEU H 12 -26.04 -26.28 28.25
N ASN H 13 -24.89 -26.89 28.56
CA ASN H 13 -24.54 -28.18 27.97
C ASN H 13 -25.56 -29.23 28.38
N GLN H 14 -26.03 -29.14 29.62
CA GLN H 14 -27.03 -30.08 30.13
C GLN H 14 -28.27 -29.93 29.24
N LEU H 15 -28.64 -28.69 28.98
CA LEU H 15 -29.80 -28.37 28.15
C LEU H 15 -29.65 -28.94 26.74
N CYS H 16 -28.44 -28.83 26.20
CA CYS H 16 -28.16 -29.30 24.84
C CYS H 16 -27.86 -30.78 24.69
N SER H 17 -27.81 -31.52 25.80
CA SER H 17 -27.52 -32.95 25.73
C SER H 17 -28.65 -33.74 25.08
N ASN H 18 -28.31 -34.92 24.56
CA ASN H 18 -29.28 -35.79 23.89
C ASN H 18 -30.05 -35.11 22.76
N SER H 19 -29.31 -34.36 21.95
CA SER H 19 -29.91 -33.65 20.82
C SER H 19 -28.87 -33.62 19.70
N ALA H 20 -29.19 -32.93 18.62
CA ALA H 20 -28.27 -32.81 17.49
C ALA H 20 -26.98 -32.16 17.96
N VAL H 21 -27.08 -31.30 18.96
CA VAL H 21 -25.92 -30.59 19.49
C VAL H 21 -24.87 -31.56 20.04
N SER H 22 -25.25 -32.35 21.03
CA SER H 22 -24.32 -33.32 21.62
C SER H 22 -23.97 -34.41 20.61
N HIS H 23 -24.87 -34.65 19.66
CA HIS H 23 -24.64 -35.67 18.66
C HIS H 23 -23.44 -35.29 17.78
N LEU H 24 -23.23 -33.99 17.62
CA LEU H 24 -22.12 -33.50 16.81
C LEU H 24 -20.94 -33.07 17.68
N GLY H 25 -20.93 -33.53 18.92
CA GLY H 25 -19.85 -33.19 19.84
C GLY H 25 -19.73 -31.71 20.15
N ILE H 26 -20.79 -30.96 19.91
CA ILE H 26 -20.78 -29.52 20.16
C ILE H 26 -20.83 -29.23 21.66
N GLU H 27 -19.97 -28.33 22.11
CA GLU H 27 -19.91 -27.98 23.53
C GLU H 27 -19.91 -26.46 23.72
N ILE H 28 -20.80 -25.97 24.58
CA ILE H 28 -20.85 -24.54 24.86
C ILE H 28 -19.60 -24.30 25.69
N SER H 29 -18.59 -23.75 25.04
CA SER H 29 -17.28 -23.51 25.64
C SER H 29 -17.04 -22.28 26.53
N ALA H 30 -17.55 -21.13 26.13
CA ALA H 30 -17.32 -19.94 26.94
C ALA H 30 -18.24 -18.78 26.55
N PHE H 31 -18.19 -17.71 27.34
CA PHE H 31 -19.01 -16.54 27.04
C PHE H 31 -18.43 -15.28 27.68
N GLY H 32 -18.95 -14.15 27.24
CA GLY H 32 -18.49 -12.87 27.75
C GLY H 32 -19.67 -11.95 27.97
N GLU H 33 -19.41 -10.66 28.10
CA GLU H 33 -20.46 -9.68 28.35
C GLU H 33 -21.49 -9.63 27.21
N ASP H 34 -21.03 -9.84 25.98
CA ASP H 34 -21.93 -9.79 24.83
C ASP H 34 -21.56 -10.75 23.72
N TRP H 35 -21.08 -11.94 24.10
CA TRP H 35 -20.71 -12.96 23.13
C TRP H 35 -20.65 -14.33 23.81
N ILE H 36 -20.90 -15.38 23.05
CA ILE H 36 -20.85 -16.73 23.59
C ILE H 36 -20.31 -17.65 22.52
N GLU H 37 -19.49 -18.63 22.93
CA GLU H 37 -18.89 -19.55 21.98
C GLU H 37 -19.23 -21.01 22.25
N ALA H 38 -18.99 -21.82 21.24
CA ALA H 38 -19.22 -23.26 21.30
C ALA H 38 -18.17 -23.89 20.41
N THR H 39 -17.65 -25.04 20.84
CA THR H 39 -16.64 -25.75 20.08
C THR H 39 -17.22 -27.00 19.46
N MSE H 40 -16.52 -27.53 18.48
CA MSE H 40 -16.95 -28.74 17.81
C MSE H 40 -15.73 -29.41 17.20
O MSE H 40 -14.94 -28.76 16.50
CB MSE H 40 -17.96 -28.42 16.71
CG MSE H 40 -18.48 -29.63 15.97
SE MSE H 40 -19.78 -29.21 14.60
CE MSE H 40 -18.55 -28.55 13.26
N PRO H 41 -15.55 -30.71 17.46
CA PRO H 41 -14.40 -31.43 16.93
C PRO H 41 -14.55 -31.73 15.44
N VAL H 42 -13.40 -31.88 14.78
CA VAL H 42 -13.38 -32.21 13.37
C VAL H 42 -12.93 -33.66 13.24
N ASP H 43 -13.90 -34.57 13.21
CA ASP H 43 -13.61 -36.00 13.07
C ASP H 43 -14.71 -36.69 12.28
N HIS H 44 -14.74 -38.03 12.33
CA HIS H 44 -15.73 -38.82 11.61
C HIS H 44 -17.18 -38.40 11.84
N ARG H 45 -17.43 -37.66 12.91
CA ARG H 45 -18.78 -37.21 13.22
C ARG H 45 -19.14 -35.93 12.46
N THR H 46 -18.13 -35.15 12.10
CA THR H 46 -18.35 -33.87 11.44
C THR H 46 -17.63 -33.66 10.12
N MSE H 47 -16.93 -34.67 9.61
CA MSE H 47 -16.20 -34.51 8.36
C MSE H 47 -16.93 -35.07 7.15
O MSE H 47 -17.86 -35.87 7.27
CB MSE H 47 -14.86 -35.22 8.43
CG MSE H 47 -13.93 -34.84 9.56
SE MSE H 47 -12.33 -35.92 9.41
CE MSE H 47 -13.16 -37.67 9.48
N GLN H 48 -16.49 -34.63 5.98
CA GLN H 48 -17.03 -35.13 4.73
C GLN H 48 -16.18 -36.37 4.49
N PRO H 49 -16.60 -37.26 3.58
CA PRO H 49 -15.78 -38.45 3.36
C PRO H 49 -14.41 -38.13 2.76
N PHE H 50 -14.18 -36.85 2.46
CA PHE H 50 -12.91 -36.42 1.87
C PHE H 50 -11.84 -36.19 2.94
N GLY H 51 -12.28 -36.13 4.20
CA GLY H 51 -11.33 -35.92 5.28
C GLY H 51 -11.24 -34.49 5.76
N VAL H 52 -12.22 -33.67 5.40
CA VAL H 52 -12.25 -32.27 5.81
C VAL H 52 -13.58 -31.96 6.49
N LEU H 53 -13.62 -30.92 7.31
CA LEU H 53 -14.83 -30.53 8.01
C LEU H 53 -15.97 -30.31 7.02
N HIS H 54 -17.11 -30.95 7.27
CA HIS H 54 -18.30 -30.84 6.43
C HIS H 54 -18.88 -29.44 6.57
N GLY H 55 -18.93 -28.71 5.45
CA GLY H 55 -19.45 -27.35 5.46
C GLY H 55 -20.87 -27.21 5.99
N GLY H 56 -21.71 -28.20 5.71
CA GLY H 56 -23.07 -28.15 6.19
C GLY H 56 -23.12 -28.23 7.70
N VAL H 57 -22.28 -29.09 8.26
CA VAL H 57 -22.22 -29.26 9.71
C VAL H 57 -21.75 -27.96 10.38
N SER H 58 -20.83 -27.25 9.74
CA SER H 58 -20.35 -25.98 10.30
C SER H 58 -21.54 -25.04 10.46
N VAL H 59 -22.47 -25.08 9.51
CA VAL H 59 -23.64 -24.22 9.60
C VAL H 59 -24.49 -24.68 10.78
N ALA H 60 -24.55 -25.99 10.98
CA ALA H 60 -25.33 -26.54 12.09
C ALA H 60 -24.80 -25.96 13.40
N LEU H 61 -23.48 -25.86 13.50
CA LEU H 61 -22.83 -25.30 14.68
C LEU H 61 -23.22 -23.83 14.81
N ALA H 62 -23.13 -23.10 13.71
CA ALA H 62 -23.47 -21.68 13.69
C ALA H 62 -24.89 -21.39 14.19
N GLU H 63 -25.86 -22.12 13.67
CA GLU H 63 -27.24 -21.89 14.10
C GLU H 63 -27.43 -22.28 15.57
N THR H 64 -26.72 -23.31 16.00
CA THR H 64 -26.82 -23.75 17.39
C THR H 64 -26.42 -22.64 18.36
N ILE H 65 -25.17 -22.20 18.25
CA ILE H 65 -24.66 -21.16 19.13
C ILE H 65 -25.41 -19.84 18.91
N GLY H 66 -25.85 -19.58 17.68
CA GLY H 66 -26.58 -18.36 17.40
C GLY H 66 -27.97 -18.36 18.03
N SER H 67 -28.67 -19.49 17.92
CA SER H 67 -30.01 -19.61 18.49
C SER H 67 -29.96 -19.57 20.01
N LEU H 68 -28.97 -20.24 20.57
CA LEU H 68 -28.79 -20.28 22.02
C LEU H 68 -28.55 -18.86 22.52
N ALA H 69 -27.67 -18.14 21.84
CA ALA H 69 -27.36 -16.76 22.22
C ALA H 69 -28.62 -15.91 22.23
N GLY H 70 -29.42 -16.04 21.17
CA GLY H 70 -30.64 -15.25 21.06
C GLY H 70 -31.63 -15.43 22.19
N SER H 71 -31.87 -16.68 22.58
CA SER H 71 -32.81 -16.98 23.66
C SER H 71 -32.30 -16.43 24.99
N LEU H 72 -30.98 -16.40 25.17
CA LEU H 72 -30.40 -15.89 26.40
C LEU H 72 -30.56 -14.38 26.52
N CYS H 73 -31.00 -13.74 25.44
CA CYS H 73 -31.20 -12.30 25.44
C CYS H 73 -32.67 -11.95 25.61
N LEU H 74 -33.49 -12.96 25.86
CA LEU H 74 -34.93 -12.75 26.04
C LEU H 74 -35.35 -13.04 27.49
N GLU H 75 -36.46 -12.44 27.90
CA GLU H 75 -36.99 -12.66 29.24
C GLU H 75 -37.67 -14.01 29.27
N GLU H 76 -38.11 -14.44 30.44
CA GLU H 76 -38.79 -15.73 30.57
C GLU H 76 -40.11 -15.68 29.82
N GLY H 77 -40.46 -16.79 29.19
CA GLY H 77 -41.71 -16.85 28.44
C GLY H 77 -41.50 -16.66 26.96
N LYS H 78 -40.39 -16.05 26.58
CA LYS H 78 -40.07 -15.81 25.18
C LYS H 78 -38.89 -16.66 24.72
N THR H 79 -38.97 -17.13 23.47
CA THR H 79 -37.90 -17.94 22.89
C THR H 79 -37.71 -17.52 21.44
N VAL H 80 -36.65 -18.00 20.81
CA VAL H 80 -36.40 -17.65 19.41
C VAL H 80 -36.66 -18.82 18.47
N VAL H 81 -36.92 -18.48 17.22
CA VAL H 81 -37.17 -19.46 16.17
C VAL H 81 -36.32 -19.05 14.98
N GLY H 82 -35.55 -20.00 14.44
CA GLY H 82 -34.71 -19.71 13.30
C GLY H 82 -35.51 -19.45 12.03
N LEU H 83 -35.33 -18.26 11.45
CA LEU H 83 -36.02 -17.89 10.23
C LEU H 83 -35.19 -18.26 9.01
N ASP H 84 -33.93 -17.81 9.00
CA ASP H 84 -33.04 -18.11 7.90
C ASP H 84 -31.58 -17.94 8.34
N ILE H 85 -30.68 -18.52 7.58
CA ILE H 85 -29.26 -18.43 7.90
C ILE H 85 -28.48 -18.57 6.60
N ASN H 86 -27.29 -17.98 6.59
CA ASN H 86 -26.44 -18.07 5.42
C ASN H 86 -25.00 -18.18 5.91
N ALA H 87 -24.11 -18.65 5.05
CA ALA H 87 -22.73 -18.79 5.47
C ALA H 87 -21.78 -18.96 4.30
N ASN H 88 -20.55 -18.48 4.48
CA ASN H 88 -19.51 -18.60 3.48
C ASN H 88 -18.42 -19.46 4.09
N HIS H 89 -17.98 -20.48 3.35
CA HIS H 89 -16.93 -21.36 3.81
C HIS H 89 -15.64 -20.79 3.23
N LEU H 90 -14.75 -20.33 4.10
CA LEU H 90 -13.50 -19.70 3.68
C LEU H 90 -12.30 -20.62 3.49
N ARG H 91 -12.21 -21.69 4.27
CA ARG H 91 -11.09 -22.61 4.14
C ARG H 91 -11.38 -23.98 4.73
N PRO H 92 -10.72 -25.03 4.22
CA PRO H 92 -10.92 -26.39 4.72
C PRO H 92 -10.26 -26.59 6.08
N VAL H 93 -10.87 -27.43 6.91
CA VAL H 93 -10.35 -27.73 8.24
C VAL H 93 -10.30 -29.25 8.33
N ARG H 94 -9.17 -29.82 8.76
CA ARG H 94 -9.10 -31.27 8.84
C ARG H 94 -8.57 -31.85 10.15
N SER H 95 -8.40 -31.01 11.16
CA SER H 95 -7.92 -31.50 12.44
C SER H 95 -8.23 -30.53 13.56
N GLY H 96 -8.33 -31.08 14.77
CA GLY H 96 -8.62 -30.25 15.92
C GLY H 96 -10.07 -29.85 16.02
N LYS H 97 -10.34 -28.86 16.86
CA LYS H 97 -11.69 -28.36 17.09
C LYS H 97 -11.84 -26.97 16.48
N VAL H 98 -13.07 -26.62 16.11
CA VAL H 98 -13.36 -25.30 15.57
C VAL H 98 -14.16 -24.58 16.64
N THR H 99 -14.02 -23.26 16.70
CA THR H 99 -14.75 -22.47 17.67
C THR H 99 -15.66 -21.45 17.00
N ALA H 100 -16.95 -21.53 17.31
CA ALA H 100 -17.92 -20.62 16.74
C ALA H 100 -18.32 -19.56 17.76
N ARG H 101 -18.13 -18.30 17.40
CA ARG H 101 -18.47 -17.19 18.29
C ARG H 101 -19.67 -16.41 17.77
N ALA H 102 -20.70 -16.30 18.61
CA ALA H 102 -21.90 -15.58 18.22
C ALA H 102 -21.96 -14.22 18.89
N THR H 103 -22.11 -13.18 18.07
CA THR H 103 -22.22 -11.80 18.54
C THR H 103 -23.44 -11.18 17.87
N PRO H 104 -24.20 -10.35 18.62
CA PRO H 104 -25.40 -9.71 18.08
C PRO H 104 -25.16 -8.55 17.11
N ILE H 105 -26.00 -8.46 16.10
CA ILE H 105 -25.92 -7.39 15.11
C ILE H 105 -27.07 -6.44 15.41
N ASN H 106 -28.24 -7.00 15.73
CA ASN H 106 -29.41 -6.20 16.07
C ASN H 106 -30.41 -7.07 16.80
N LEU H 107 -30.83 -6.61 17.97
CA LEU H 107 -31.79 -7.33 18.78
C LEU H 107 -33.06 -6.49 18.91
N GLY H 108 -34.07 -6.83 18.11
CA GLY H 108 -35.33 -6.10 18.14
C GLY H 108 -36.37 -6.85 18.93
N ARG H 109 -37.57 -6.29 19.02
CA ARG H 109 -38.65 -6.93 19.77
C ARG H 109 -39.25 -8.13 19.05
N ASN H 110 -39.18 -8.13 17.72
CA ASN H 110 -39.74 -9.23 16.94
C ASN H 110 -38.69 -10.05 16.19
N ILE H 111 -37.60 -9.40 15.80
CA ILE H 111 -36.55 -10.07 15.05
C ILE H 111 -35.15 -9.78 15.60
N GLN H 112 -34.29 -10.80 15.57
CA GLN H 112 -32.91 -10.65 16.02
C GLN H 112 -31.99 -11.11 14.90
N VAL H 113 -30.86 -10.43 14.75
CA VAL H 113 -29.89 -10.79 13.72
C VAL H 113 -28.55 -11.08 14.39
N TRP H 114 -28.02 -12.27 14.18
CA TRP H 114 -26.76 -12.66 14.79
C TRP H 114 -25.63 -12.97 13.81
N GLN H 115 -24.42 -12.60 14.20
CA GLN H 115 -23.24 -12.86 13.40
C GLN H 115 -22.54 -14.04 14.07
N ILE H 116 -22.13 -15.03 13.29
CA ILE H 116 -21.42 -16.17 13.86
C ILE H 116 -20.15 -16.41 13.06
N ASP H 117 -19.01 -16.27 13.72
CA ASP H 117 -17.72 -16.47 13.08
C ASP H 117 -17.07 -17.72 13.66
N ILE H 118 -16.64 -18.62 12.78
CA ILE H 118 -16.03 -19.87 13.21
C ILE H 118 -14.54 -19.87 12.86
N ARG H 119 -13.72 -20.14 13.87
CA ARG H 119 -12.26 -20.16 13.69
C ARG H 119 -11.67 -21.53 13.98
N THR H 120 -10.49 -21.80 13.41
CA THR H 120 -9.81 -23.07 13.62
C THR H 120 -8.97 -22.94 14.90
N GLU H 121 -8.32 -24.03 15.30
CA GLU H 121 -7.49 -23.99 16.49
C GLU H 121 -6.35 -22.99 16.30
N GLU H 122 -6.06 -22.65 15.05
CA GLU H 122 -5.00 -21.70 14.72
C GLU H 122 -5.57 -20.28 14.62
N ASN H 123 -6.80 -20.12 15.10
CA ASN H 123 -7.49 -18.83 15.08
C ASN H 123 -7.74 -18.26 13.69
N LYS H 124 -7.72 -19.12 12.68
CA LYS H 124 -7.98 -18.68 11.32
C LYS H 124 -9.46 -18.89 11.01
N LEU H 125 -10.09 -17.88 10.42
CA LEU H 125 -11.51 -17.92 10.08
C LEU H 125 -11.80 -18.94 8.99
N CYS H 126 -12.67 -19.90 9.28
CA CYS H 126 -13.00 -20.92 8.29
C CYS H 126 -14.42 -20.78 7.77
N CYS H 127 -15.25 -20.04 8.50
CA CYS H 127 -16.64 -19.86 8.10
C CYS H 127 -17.25 -18.65 8.78
N VAL H 128 -18.04 -17.89 8.02
CA VAL H 128 -18.72 -16.72 8.57
C VAL H 128 -20.19 -16.90 8.23
N SER H 129 -21.05 -16.63 9.20
CA SER H 129 -22.48 -16.82 9.00
C SER H 129 -23.34 -15.75 9.68
N ARG H 130 -24.54 -15.56 9.16
CA ARG H 130 -25.48 -14.61 9.75
C ARG H 130 -26.81 -15.35 9.89
N LEU H 131 -27.38 -15.25 11.07
CA LEU H 131 -28.63 -15.91 11.40
C LEU H 131 -29.72 -14.89 11.71
N THR H 132 -30.93 -15.15 11.20
CA THR H 132 -32.05 -14.27 11.44
C THR H 132 -33.05 -15.04 12.29
N LEU H 133 -33.38 -14.47 13.45
CA LEU H 133 -34.30 -15.12 14.39
C LEU H 133 -35.59 -14.36 14.61
N SER H 134 -36.66 -15.11 14.88
CA SER H 134 -37.95 -14.53 15.16
C SER H 134 -38.21 -14.72 16.65
N VAL H 135 -38.66 -13.65 17.31
CA VAL H 135 -38.96 -13.71 18.74
C VAL H 135 -40.44 -14.01 18.96
N ILE H 136 -40.71 -15.06 19.74
CA ILE H 136 -42.10 -15.45 20.02
C ILE H 136 -42.33 -15.68 21.52
N ASN H 137 -43.59 -15.64 21.93
CA ASN H 137 -43.96 -15.84 23.33
C ASN H 137 -44.30 -17.31 23.62
C ACY I . 20.62 6.45 -10.20
O ACY I . 21.04 6.26 -11.31
OXT ACY I . 20.65 7.69 -9.66
CH3 ACY I . 20.07 5.29 -9.41
C ACY J . 36.39 21.28 5.06
O ACY J . 36.44 20.17 4.58
OXT ACY J . 37.44 21.82 5.69
CH3 ACY J . 35.13 22.08 4.93
C ACY K . 32.48 21.82 7.87
O ACY K . 31.57 22.21 7.16
OXT ACY K . 32.92 22.57 8.89
CH3 ACY K . 33.12 20.50 7.60
C ACY L . 19.79 11.13 -11.97
O ACY L . 18.97 10.87 -12.85
OXT ACY L . 19.48 11.95 -10.96
CH3 ACY L . 21.17 10.53 -12.04
C ACY M . 4.85 6.45 -37.58
O ACY M . 3.64 6.48 -37.44
OXT ACY M . 5.62 7.31 -36.90
CH3 ACY M . 5.48 5.47 -38.54
C ACY N . -35.11 -20.28 -7.72
O ACY N . -35.79 -20.59 -8.68
OXT ACY N . -34.89 -18.98 -7.43
CH3 ACY N . -34.51 -21.35 -6.87
C ACY O . -21.46 -7.65 9.85
O ACY O . -21.80 -7.34 8.73
OXT ACY O . -20.91 -6.72 10.66
CH3 ACY O . -21.65 -9.05 10.33
C ACY P . -18.37 -11.27 9.84
O ACY P . -17.57 -11.00 10.72
OXT ACY P . -19.18 -12.33 9.97
CH3 ACY P . -18.45 -10.42 8.61
#